data_3L32
# 
_entry.id   3L32 
# 
_audit_conform.dict_name       mmcif_pdbx.dic 
_audit_conform.dict_version    5.388 
_audit_conform.dict_location   http://mmcif.pdb.org/dictionaries/ascii/mmcif_pdbx.dic 
# 
loop_
_database_2.database_id 
_database_2.database_code 
_database_2.pdbx_database_accession 
_database_2.pdbx_DOI 
PDB   3L32         pdb_00003l32 10.2210/pdb3l32/pdb 
RCSB  RCSB056770   ?            ?                   
WWPDB D_1000056770 ?            ?                   
# 
loop_
_pdbx_audit_revision_history.ordinal 
_pdbx_audit_revision_history.data_content_type 
_pdbx_audit_revision_history.major_revision 
_pdbx_audit_revision_history.minor_revision 
_pdbx_audit_revision_history.revision_date 
1 'Structure model' 1 0 2010-02-16 
2 'Structure model' 1 1 2011-07-13 
3 'Structure model' 1 2 2024-03-20 
# 
_pdbx_audit_revision_details.ordinal             1 
_pdbx_audit_revision_details.revision_ordinal    1 
_pdbx_audit_revision_details.data_content_type   'Structure model' 
_pdbx_audit_revision_details.provider            repository 
_pdbx_audit_revision_details.type                'Initial release' 
_pdbx_audit_revision_details.description         ? 
_pdbx_audit_revision_details.details             ? 
# 
loop_
_pdbx_audit_revision_group.ordinal 
_pdbx_audit_revision_group.revision_ordinal 
_pdbx_audit_revision_group.data_content_type 
_pdbx_audit_revision_group.group 
1 2 'Structure model' 'Version format compliance' 
2 3 'Structure model' 'Data collection'           
3 3 'Structure model' 'Database references'       
# 
loop_
_pdbx_audit_revision_category.ordinal 
_pdbx_audit_revision_category.revision_ordinal 
_pdbx_audit_revision_category.data_content_type 
_pdbx_audit_revision_category.category 
1 3 'Structure model' chem_comp_atom     
2 3 'Structure model' chem_comp_bond     
3 3 'Structure model' database_2         
4 3 'Structure model' struct_ref_seq_dif 
# 
loop_
_pdbx_audit_revision_item.ordinal 
_pdbx_audit_revision_item.revision_ordinal 
_pdbx_audit_revision_item.data_content_type 
_pdbx_audit_revision_item.item 
1 3 'Structure model' '_database_2.pdbx_DOI'                
2 3 'Structure model' '_database_2.pdbx_database_accession' 
3 3 'Structure model' '_struct_ref_seq_dif.details'         
# 
_pdbx_database_status.entry_id                        3L32 
_pdbx_database_status.status_code                     REL 
_pdbx_database_status.deposit_site                    RCSB 
_pdbx_database_status.process_site                    PDBJ 
_pdbx_database_status.recvd_initial_deposition_date   2009-12-16 
_pdbx_database_status.status_code_sf                  REL 
_pdbx_database_status.status_code_mr                  ? 
_pdbx_database_status.SG_entry                        ? 
_pdbx_database_status.pdb_format_compatible           Y 
_pdbx_database_status.status_code_cs                  ? 
_pdbx_database_status.status_code_nmr_data            ? 
_pdbx_database_status.methods_development_category    ? 
# 
loop_
_audit_author.name 
_audit_author.pdbx_ordinal 
'Ivanov, I.'      1 
'Crepin, T.'      2 
'Jamin, M.'       3 
'Ruigrok, R.W.H.' 4 
# 
_citation.id                        primary 
_citation.title                     'Structure of the dimerisation domain of the rabies virus phosphoprotein' 
_citation.journal_abbrev            J.Virol. 
_citation.journal_volume            ? 
_citation.page_first                ? 
_citation.page_last                 ? 
_citation.year                      2010 
_citation.journal_id_ASTM           JOVIAM 
_citation.country                   US 
_citation.journal_id_ISSN           1098-5514 
_citation.journal_id_CSD            0825 
_citation.book_publisher            ? 
_citation.pdbx_database_id_PubMed   20089657 
_citation.pdbx_database_id_DOI      10.1128/JVI.02557-09 
# 
loop_
_citation_author.citation_id 
_citation_author.name 
_citation_author.ordinal 
_citation_author.identifier_ORCID 
primary 'Ivanov, I.'      1 ? 
primary 'Crepin, T.'      2 ? 
primary 'Jamin, M.'       3 ? 
primary 'Ruigrok, R.W.H.' 4 ? 
# 
loop_
_entity.id 
_entity.type 
_entity.src_method 
_entity.pdbx_description 
_entity.formula_weight 
_entity.pdbx_number_of_molecules 
_entity.pdbx_ec 
_entity.pdbx_mutation 
_entity.pdbx_fragment 
_entity.details 
1 polymer man Phosphoprotein 5343.142 2  ? ? 'UNP residues 90-133' ? 
2 water   nat water          18.015   51 ? ? ?                     ? 
# 
_entity_name_com.entity_id   1 
_entity_name_com.name        'Protein P, Protein M1' 
# 
_entity_poly.entity_id                      1 
_entity_poly.type                           'polypeptide(L)' 
_entity_poly.nstd_linkage                   no 
_entity_poly.nstd_monomer                   no 
_entity_poly.pdbx_seq_one_letter_code       MNLLFQSYLDNVGVQIVRQMRSGERFLKIWSQTVEEIVSYVTVNF 
_entity_poly.pdbx_seq_one_letter_code_can   MNLLFQSYLDNVGVQIVRQMRSGERFLKIWSQTVEEIVSYVTVNF 
_entity_poly.pdbx_strand_id                 A,B 
_entity_poly.pdbx_target_identifier         ? 
# 
_pdbx_entity_nonpoly.entity_id   2 
_pdbx_entity_nonpoly.name        water 
_pdbx_entity_nonpoly.comp_id     HOH 
# 
loop_
_entity_poly_seq.entity_id 
_entity_poly_seq.num 
_entity_poly_seq.mon_id 
_entity_poly_seq.hetero 
1 1  MET n 
1 2  ASN n 
1 3  LEU n 
1 4  LEU n 
1 5  PHE n 
1 6  GLN n 
1 7  SER n 
1 8  TYR n 
1 9  LEU n 
1 10 ASP n 
1 11 ASN n 
1 12 VAL n 
1 13 GLY n 
1 14 VAL n 
1 15 GLN n 
1 16 ILE n 
1 17 VAL n 
1 18 ARG n 
1 19 GLN n 
1 20 MET n 
1 21 ARG n 
1 22 SER n 
1 23 GLY n 
1 24 GLU n 
1 25 ARG n 
1 26 PHE n 
1 27 LEU n 
1 28 LYS n 
1 29 ILE n 
1 30 TRP n 
1 31 SER n 
1 32 GLN n 
1 33 THR n 
1 34 VAL n 
1 35 GLU n 
1 36 GLU n 
1 37 ILE n 
1 38 VAL n 
1 39 SER n 
1 40 TYR n 
1 41 VAL n 
1 42 THR n 
1 43 VAL n 
1 44 ASN n 
1 45 PHE n 
# 
_entity_src_gen.entity_id                          1 
_entity_src_gen.pdbx_src_id                        1 
_entity_src_gen.pdbx_alt_source_flag               sample 
_entity_src_gen.pdbx_seq_type                      ? 
_entity_src_gen.pdbx_beg_seq_num                   ? 
_entity_src_gen.pdbx_end_seq_num                   ? 
_entity_src_gen.gene_src_common_name               ? 
_entity_src_gen.gene_src_genus                     ? 
_entity_src_gen.pdbx_gene_src_gene                 P 
_entity_src_gen.gene_src_species                   ? 
_entity_src_gen.gene_src_strain                    China/MRV 
_entity_src_gen.gene_src_tissue                    ? 
_entity_src_gen.gene_src_tissue_fraction           ? 
_entity_src_gen.gene_src_details                   ? 
_entity_src_gen.pdbx_gene_src_fragment             ? 
_entity_src_gen.pdbx_gene_src_scientific_name      'Rabies virus' 
_entity_src_gen.pdbx_gene_src_ncbi_taxonomy_id     445791 
_entity_src_gen.pdbx_gene_src_variant              ? 
_entity_src_gen.pdbx_gene_src_cell_line            ? 
_entity_src_gen.pdbx_gene_src_atcc                 ? 
_entity_src_gen.pdbx_gene_src_organ                ? 
_entity_src_gen.pdbx_gene_src_organelle            ? 
_entity_src_gen.pdbx_gene_src_cell                 ? 
_entity_src_gen.pdbx_gene_src_cellular_location    ? 
_entity_src_gen.host_org_common_name               ? 
_entity_src_gen.pdbx_host_org_scientific_name      'Escherichia coli' 
_entity_src_gen.pdbx_host_org_ncbi_taxonomy_id     562 
_entity_src_gen.host_org_genus                     ? 
_entity_src_gen.pdbx_host_org_gene                 ? 
_entity_src_gen.pdbx_host_org_organ                ? 
_entity_src_gen.host_org_species                   ? 
_entity_src_gen.pdbx_host_org_tissue               ? 
_entity_src_gen.pdbx_host_org_tissue_fraction      ? 
_entity_src_gen.pdbx_host_org_strain               'BL21(DE3) RIL' 
_entity_src_gen.pdbx_host_org_variant              ? 
_entity_src_gen.pdbx_host_org_cell_line            ? 
_entity_src_gen.pdbx_host_org_atcc                 ? 
_entity_src_gen.pdbx_host_org_culture_collection   ? 
_entity_src_gen.pdbx_host_org_cell                 ? 
_entity_src_gen.pdbx_host_org_organelle            ? 
_entity_src_gen.pdbx_host_org_cellular_location    ? 
_entity_src_gen.pdbx_host_org_vector_type          plasmid 
_entity_src_gen.pdbx_host_org_vector               ? 
_entity_src_gen.host_org_details                   ? 
_entity_src_gen.expression_system_id               ? 
_entity_src_gen.plasmid_name                       pET22b 
_entity_src_gen.plasmid_details                    ? 
_entity_src_gen.pdbx_description                   ? 
# 
loop_
_chem_comp.id 
_chem_comp.type 
_chem_comp.mon_nstd_flag 
_chem_comp.name 
_chem_comp.pdbx_synonyms 
_chem_comp.formula 
_chem_comp.formula_weight 
ARG 'L-peptide linking' y ARGININE        ? 'C6 H15 N4 O2 1' 175.209 
ASN 'L-peptide linking' y ASPARAGINE      ? 'C4 H8 N2 O3'    132.118 
ASP 'L-peptide linking' y 'ASPARTIC ACID' ? 'C4 H7 N O4'     133.103 
GLN 'L-peptide linking' y GLUTAMINE       ? 'C5 H10 N2 O3'   146.144 
GLU 'L-peptide linking' y 'GLUTAMIC ACID' ? 'C5 H9 N O4'     147.129 
GLY 'peptide linking'   y GLYCINE         ? 'C2 H5 N O2'     75.067  
HOH non-polymer         . WATER           ? 'H2 O'           18.015  
ILE 'L-peptide linking' y ISOLEUCINE      ? 'C6 H13 N O2'    131.173 
LEU 'L-peptide linking' y LEUCINE         ? 'C6 H13 N O2'    131.173 
LYS 'L-peptide linking' y LYSINE          ? 'C6 H15 N2 O2 1' 147.195 
MET 'L-peptide linking' y METHIONINE      ? 'C5 H11 N O2 S'  149.211 
PHE 'L-peptide linking' y PHENYLALANINE   ? 'C9 H11 N O2'    165.189 
SER 'L-peptide linking' y SERINE          ? 'C3 H7 N O3'     105.093 
THR 'L-peptide linking' y THREONINE       ? 'C4 H9 N O3'     119.119 
TRP 'L-peptide linking' y TRYPTOPHAN      ? 'C11 H12 N2 O2'  204.225 
TYR 'L-peptide linking' y TYROSINE        ? 'C9 H11 N O3'    181.189 
VAL 'L-peptide linking' y VALINE          ? 'C5 H11 N O2'    117.146 
# 
loop_
_pdbx_poly_seq_scheme.asym_id 
_pdbx_poly_seq_scheme.entity_id 
_pdbx_poly_seq_scheme.seq_id 
_pdbx_poly_seq_scheme.mon_id 
_pdbx_poly_seq_scheme.ndb_seq_num 
_pdbx_poly_seq_scheme.pdb_seq_num 
_pdbx_poly_seq_scheme.auth_seq_num 
_pdbx_poly_seq_scheme.pdb_mon_id 
_pdbx_poly_seq_scheme.auth_mon_id 
_pdbx_poly_seq_scheme.pdb_strand_id 
_pdbx_poly_seq_scheme.pdb_ins_code 
_pdbx_poly_seq_scheme.hetero 
A 1 1  MET 1  89  ?   ?   ?   A . n 
A 1 2  ASN 2  90  90  ASN ASN A . n 
A 1 3  LEU 3  91  91  LEU LEU A . n 
A 1 4  LEU 4  92  92  LEU LEU A . n 
A 1 5  PHE 5  93  93  PHE PHE A . n 
A 1 6  GLN 6  94  94  GLN GLN A . n 
A 1 7  SER 7  95  95  SER SER A . n 
A 1 8  TYR 8  96  96  TYR TYR A . n 
A 1 9  LEU 9  97  97  LEU LEU A . n 
A 1 10 ASP 10 98  98  ASP ASP A . n 
A 1 11 ASN 11 99  99  ASN ASN A . n 
A 1 12 VAL 12 100 100 VAL VAL A . n 
A 1 13 GLY 13 101 101 GLY GLY A . n 
A 1 14 VAL 14 102 102 VAL VAL A . n 
A 1 15 GLN 15 103 103 GLN GLN A . n 
A 1 16 ILE 16 104 104 ILE ILE A . n 
A 1 17 VAL 17 105 105 VAL VAL A . n 
A 1 18 ARG 18 106 106 ARG ARG A . n 
A 1 19 GLN 19 107 107 GLN GLN A . n 
A 1 20 MET 20 108 108 MET MET A . n 
A 1 21 ARG 21 109 109 ARG ARG A . n 
A 1 22 SER 22 110 110 SER SER A . n 
A 1 23 GLY 23 111 111 GLY GLY A . n 
A 1 24 GLU 24 112 112 GLU GLU A . n 
A 1 25 ARG 25 113 113 ARG ARG A . n 
A 1 26 PHE 26 114 114 PHE PHE A . n 
A 1 27 LEU 27 115 115 LEU LEU A . n 
A 1 28 LYS 28 116 116 LYS LYS A . n 
A 1 29 ILE 29 117 117 ILE ILE A . n 
A 1 30 TRP 30 118 118 TRP TRP A . n 
A 1 31 SER 31 119 119 SER SER A . n 
A 1 32 GLN 32 120 120 GLN GLN A . n 
A 1 33 THR 33 121 121 THR THR A . n 
A 1 34 VAL 34 122 122 VAL VAL A . n 
A 1 35 GLU 35 123 123 GLU GLU A . n 
A 1 36 GLU 36 124 124 GLU GLU A . n 
A 1 37 ILE 37 125 125 ILE ILE A . n 
A 1 38 VAL 38 126 126 VAL VAL A . n 
A 1 39 SER 39 127 127 SER SER A . n 
A 1 40 TYR 40 128 128 TYR TYR A . n 
A 1 41 VAL 41 129 129 VAL VAL A . n 
A 1 42 THR 42 130 130 THR THR A . n 
A 1 43 VAL 43 131 131 VAL VAL A . n 
A 1 44 ASN 44 132 132 ASN ASN A . n 
A 1 45 PHE 45 133 133 PHE PHE A . n 
B 1 1  MET 1  89  89  MET MET B . n 
B 1 2  ASN 2  90  90  ASN ASN B . n 
B 1 3  LEU 3  91  91  LEU LEU B . n 
B 1 4  LEU 4  92  92  LEU LEU B . n 
B 1 5  PHE 5  93  93  PHE PHE B . n 
B 1 6  GLN 6  94  94  GLN GLN B . n 
B 1 7  SER 7  95  95  SER SER B . n 
B 1 8  TYR 8  96  96  TYR TYR B . n 
B 1 9  LEU 9  97  97  LEU LEU B . n 
B 1 10 ASP 10 98  98  ASP ASP B . n 
B 1 11 ASN 11 99  99  ASN ASN B . n 
B 1 12 VAL 12 100 100 VAL VAL B . n 
B 1 13 GLY 13 101 101 GLY GLY B . n 
B 1 14 VAL 14 102 102 VAL VAL B . n 
B 1 15 GLN 15 103 103 GLN GLN B . n 
B 1 16 ILE 16 104 104 ILE ILE B . n 
B 1 17 VAL 17 105 105 VAL VAL B . n 
B 1 18 ARG 18 106 106 ARG ARG B . n 
B 1 19 GLN 19 107 107 GLN GLN B . n 
B 1 20 MET 20 108 108 MET MET B . n 
B 1 21 ARG 21 109 109 ARG ARG B . n 
B 1 22 SER 22 110 110 SER SER B . n 
B 1 23 GLY 23 111 111 GLY GLY B . n 
B 1 24 GLU 24 112 112 GLU GLU B . n 
B 1 25 ARG 25 113 113 ARG ARG B . n 
B 1 26 PHE 26 114 114 PHE PHE B . n 
B 1 27 LEU 27 115 115 LEU LEU B . n 
B 1 28 LYS 28 116 116 LYS LYS B . n 
B 1 29 ILE 29 117 117 ILE ILE B . n 
B 1 30 TRP 30 118 118 TRP TRP B . n 
B 1 31 SER 31 119 119 SER SER B . n 
B 1 32 GLN 32 120 120 GLN GLN B . n 
B 1 33 THR 33 121 121 THR THR B . n 
B 1 34 VAL 34 122 122 VAL VAL B . n 
B 1 35 GLU 35 123 123 GLU GLU B . n 
B 1 36 GLU 36 124 124 GLU GLU B . n 
B 1 37 ILE 37 125 125 ILE ILE B . n 
B 1 38 VAL 38 126 126 VAL VAL B . n 
B 1 39 SER 39 127 127 SER SER B . n 
B 1 40 TYR 40 128 128 TYR TYR B . n 
B 1 41 VAL 41 129 129 VAL VAL B . n 
B 1 42 THR 42 130 130 THR THR B . n 
B 1 43 VAL 43 131 131 VAL VAL B . n 
B 1 44 ASN 44 132 132 ASN ASN B . n 
B 1 45 PHE 45 133 133 PHE PHE B . n 
# 
loop_
_pdbx_nonpoly_scheme.asym_id 
_pdbx_nonpoly_scheme.entity_id 
_pdbx_nonpoly_scheme.mon_id 
_pdbx_nonpoly_scheme.ndb_seq_num 
_pdbx_nonpoly_scheme.pdb_seq_num 
_pdbx_nonpoly_scheme.auth_seq_num 
_pdbx_nonpoly_scheme.pdb_mon_id 
_pdbx_nonpoly_scheme.auth_mon_id 
_pdbx_nonpoly_scheme.pdb_strand_id 
_pdbx_nonpoly_scheme.pdb_ins_code 
C 2 HOH 1  2  2  HOH HOH A . 
C 2 HOH 2  3  3  HOH HOH A . 
C 2 HOH 3  6  6  HOH HOH A . 
C 2 HOH 4  10 10 HOH HOH A . 
C 2 HOH 5  12 12 HOH HOH A . 
C 2 HOH 6  13 13 HOH HOH A . 
C 2 HOH 7  14 14 HOH HOH A . 
C 2 HOH 8  16 16 HOH HOH A . 
C 2 HOH 9  18 18 HOH HOH A . 
C 2 HOH 10 19 19 HOH HOH A . 
C 2 HOH 11 21 21 HOH HOH A . 
C 2 HOH 12 22 22 HOH HOH A . 
C 2 HOH 13 23 23 HOH HOH A . 
C 2 HOH 14 26 26 HOH HOH A . 
C 2 HOH 15 28 28 HOH HOH A . 
C 2 HOH 16 29 29 HOH HOH A . 
C 2 HOH 17 30 30 HOH HOH A . 
C 2 HOH 18 31 31 HOH HOH A . 
C 2 HOH 19 32 32 HOH HOH A . 
C 2 HOH 20 35 35 HOH HOH A . 
C 2 HOH 21 37 37 HOH HOH A . 
C 2 HOH 22 38 38 HOH HOH A . 
C 2 HOH 23 39 39 HOH HOH A . 
C 2 HOH 24 42 42 HOH HOH A . 
C 2 HOH 25 44 44 HOH HOH A . 
C 2 HOH 26 45 45 HOH HOH A . 
C 2 HOH 27 46 46 HOH HOH A . 
C 2 HOH 28 47 47 HOH HOH A . 
C 2 HOH 29 48 48 HOH HOH A . 
C 2 HOH 30 49 49 HOH HOH A . 
C 2 HOH 31 51 51 HOH HOH A . 
D 2 HOH 1  1  1  HOH HOH B . 
D 2 HOH 2  4  4  HOH HOH B . 
D 2 HOH 3  5  5  HOH HOH B . 
D 2 HOH 4  7  7  HOH HOH B . 
D 2 HOH 5  8  8  HOH HOH B . 
D 2 HOH 6  9  9  HOH HOH B . 
D 2 HOH 7  11 11 HOH HOH B . 
D 2 HOH 8  15 15 HOH HOH B . 
D 2 HOH 9  17 17 HOH HOH B . 
D 2 HOH 10 20 20 HOH HOH B . 
D 2 HOH 11 24 24 HOH HOH B . 
D 2 HOH 12 25 25 HOH HOH B . 
D 2 HOH 13 27 27 HOH HOH B . 
D 2 HOH 14 33 33 HOH HOH B . 
D 2 HOH 15 34 34 HOH HOH B . 
D 2 HOH 16 36 36 HOH HOH B . 
D 2 HOH 17 40 40 HOH HOH B . 
D 2 HOH 18 41 41 HOH HOH B . 
D 2 HOH 19 43 43 HOH HOH B . 
D 2 HOH 20 50 50 HOH HOH B . 
# 
loop_
_software.pdbx_ordinal 
_software.name 
_software.version 
_software.date 
_software.type 
_software.contact_author 
_software.contact_author_email 
_software.classification 
_software.location 
_software.language 
_software.citation_id 
1 REFMAC      5.5.0102 ?               program 'Garib N. Murshudov' garib@ysbl.york.ac.uk refinement        
http://www.ccp4.ac.uk/dist/html/refmac5.html Fortran_77 ? 
2 PDB_EXTRACT 3.005    'June 11, 2008' package PDB                  help@deposit.rcsb.org 'data extraction' 
http://sw-tools.pdb.org/apps/PDB_EXTRACT/    C++        ? 
3 XSCALE      .        ?               ?       ?                    ?                     'data scaling'    ? ?          ? 
# 
_cell.entry_id           3L32 
_cell.length_a           43.290 
_cell.length_b           43.290 
_cell.length_c           192.020 
_cell.angle_alpha        90.00 
_cell.angle_beta         90.00 
_cell.angle_gamma        90.00 
_cell.Z_PDB              32 
_cell.pdbx_unique_axis   ? 
_cell.length_a_esd       ? 
_cell.length_b_esd       ? 
_cell.length_c_esd       ? 
_cell.angle_alpha_esd    ? 
_cell.angle_beta_esd     ? 
_cell.angle_gamma_esd    ? 
# 
_symmetry.entry_id                         3L32 
_symmetry.space_group_name_H-M             'I 41 2 2' 
_symmetry.pdbx_full_space_group_name_H-M   ? 
_symmetry.cell_setting                     ? 
_symmetry.Int_Tables_number                98 
_symmetry.space_group_name_Hall            ? 
# 
_exptl.entry_id          3L32 
_exptl.method            'X-RAY DIFFRACTION' 
_exptl.crystals_number   1 
# 
_exptl_crystal.id                    1 
_exptl_crystal.density_meas          ? 
_exptl_crystal.density_Matthews      2.10 
_exptl_crystal.density_percent_sol   41.56 
_exptl_crystal.description           ? 
_exptl_crystal.F_000                 ? 
_exptl_crystal.preparation           ? 
# 
_exptl_crystal_grow.crystal_id      1 
_exptl_crystal_grow.method          'VAPOR DIFFUSION, HANGING DROP' 
_exptl_crystal_grow.temp            298 
_exptl_crystal_grow.temp_details    ? 
_exptl_crystal_grow.pH              6.5 
_exptl_crystal_grow.pdbx_pH_range   ? 
_exptl_crystal_grow.pdbx_details    '(NH4)2SO4, pH 6.5, vapor diffusion, hanging drop, temperature 298K' 
# 
loop_
_diffrn.id 
_diffrn.ambient_temp 
_diffrn.ambient_temp_details 
_diffrn.crystal_id 
1 100 ? 1 
2 100 ? 1 
# 
loop_
_diffrn_detector.diffrn_id 
_diffrn_detector.detector 
_diffrn_detector.type 
_diffrn_detector.pdbx_collection_date 
_diffrn_detector.details 
1 CCD           'ADSC QUANTUM 315r'        2009-07-28 ? 
2 'IMAGE PLATE' 'MAR scanner 345 mm plate' 2009-09-25 ? 
# 
loop_
_diffrn_radiation.diffrn_id 
_diffrn_radiation.wavelength_id 
_diffrn_radiation.pdbx_monochromatic_or_laue_m_l 
_diffrn_radiation.monochromator 
_diffrn_radiation.pdbx_diffrn_protocol 
_diffrn_radiation.pdbx_scattering_type 
1 1 M ? 'SINGLE WAVELENGTH' x-ray 
2 2 M ? 'SINGLE WAVELENGTH' x-ray 
# 
loop_
_diffrn_radiation_wavelength.id 
_diffrn_radiation_wavelength.wavelength 
_diffrn_radiation_wavelength.wt 
1 0.976 1.0 
2 1.771 1.0 
# 
loop_
_diffrn_source.diffrn_id 
_diffrn_source.source 
_diffrn_source.type 
_diffrn_source.pdbx_synchrotron_site 
_diffrn_source.pdbx_synchrotron_beamline 
_diffrn_source.pdbx_wavelength 
_diffrn_source.pdbx_wavelength_list 
1 SYNCHROTRON 'ESRF BEAMLINE ID14-4' ESRF ID14-4 ? 0.976 
2 SYNCHROTRON 'ESRF BEAMLINE BM14'   ESRF BM14   ? 1.771 
# 
_reflns.entry_id                     3L32 
_reflns.observed_criterion_sigma_I   ? 
_reflns.observed_criterion_sigma_F   ? 
_reflns.d_resolution_low             25.81 
_reflns.d_resolution_high            1.5 
_reflns.number_obs                   15278 
_reflns.number_all                   ? 
_reflns.percent_possible_obs         ? 
_reflns.pdbx_Rmerge_I_obs            0.047 
_reflns.pdbx_Rsym_value              ? 
_reflns.pdbx_netI_over_sigmaI        ? 
_reflns.B_iso_Wilson_estimate        ? 
_reflns.pdbx_redundancy              7.6 
_reflns.R_free_details               ? 
_reflns.limit_h_max                  ? 
_reflns.limit_h_min                  ? 
_reflns.limit_k_max                  ? 
_reflns.limit_k_min                  ? 
_reflns.limit_l_max                  ? 
_reflns.limit_l_min                  ? 
_reflns.observed_criterion_F_max     ? 
_reflns.observed_criterion_F_min     ? 
_reflns.pdbx_chi_squared             ? 
_reflns.pdbx_scaling_rejects         ? 
_reflns.pdbx_diffrn_id               1,2 
_reflns.pdbx_ordinal                 1 
# 
_refine.pdbx_refine_id                           'X-RAY DIFFRACTION' 
_refine.entry_id                                 3L32 
_refine.ls_number_reflns_obs                     14377 
_refine.ls_number_reflns_all                     ? 
_refine.pdbx_ls_sigma_I                          ? 
_refine.pdbx_ls_sigma_F                          . 
_refine.pdbx_data_cutoff_high_absF               ? 
_refine.pdbx_data_cutoff_low_absF                ? 
_refine.pdbx_data_cutoff_high_rms_absF           ? 
_refine.ls_d_res_low                             25.81 
_refine.ls_d_res_high                            1.50 
_refine.ls_percent_reflns_obs                    99.07 
_refine.ls_R_factor_obs                          0.19796 
_refine.ls_R_factor_all                          ? 
_refine.ls_R_factor_R_work                       0.19647 
_refine.ls_R_factor_R_free                       0.22811 
_refine.ls_R_factor_R_free_error                 ? 
_refine.ls_R_factor_R_free_error_details         ? 
_refine.ls_percent_reflns_R_free                 5.0 
_refine.ls_number_reflns_R_free                  759 
_refine.ls_number_parameters                     ? 
_refine.ls_number_restraints                     ? 
_refine.occupancy_min                            0.30 
_refine.occupancy_max                            1.00 
_refine.correlation_coeff_Fo_to_Fc               0.955 
_refine.correlation_coeff_Fo_to_Fc_free          0.947 
_refine.B_iso_mean                               23.388 
_refine.aniso_B[1][1]                            -0.29 
_refine.aniso_B[2][2]                            -0.29 
_refine.aniso_B[3][3]                            0.58 
_refine.aniso_B[1][2]                            0.00 
_refine.aniso_B[1][3]                            0.00 
_refine.aniso_B[2][3]                            0.00 
_refine.solvent_model_details                    MASK 
_refine.solvent_model_param_ksol                 ? 
_refine.solvent_model_param_bsol                 ? 
_refine.pdbx_solvent_vdw_probe_radii             1.40 
_refine.pdbx_solvent_ion_probe_radii             0.80 
_refine.pdbx_solvent_shrinkage_radii             0.80 
_refine.pdbx_ls_cross_valid_method               THROUGHOUT 
_refine.details                                  'HYDROGENS HAVE BEEN ADDED IN THE RIDING POSITIONS' 
_refine.pdbx_starting_model                      ? 
_refine.pdbx_method_to_determine_struct          SAD 
_refine.pdbx_isotropic_thermal_model             ? 
_refine.pdbx_stereochemistry_target_values       'MAXIMUM LIKELIHOOD' 
_refine.pdbx_stereochem_target_val_spec_case     ? 
_refine.pdbx_R_Free_selection_details            RANDOM 
_refine.pdbx_overall_ESU_R                       0.081 
_refine.pdbx_overall_ESU_R_Free                  0.083 
_refine.overall_SU_ML                            0.049 
_refine.pdbx_overall_phase_error                 ? 
_refine.overall_SU_B                             1.307 
_refine.overall_SU_R_Cruickshank_DPI             ? 
_refine.pdbx_overall_SU_R_free_Cruickshank_DPI   ? 
_refine.pdbx_overall_SU_R_Blow_DPI               ? 
_refine.pdbx_overall_SU_R_free_Blow_DPI          ? 
_refine.ls_redundancy_reflns_obs                 ? 
_refine.B_iso_min                                ? 
_refine.B_iso_max                                ? 
_refine.overall_SU_R_free                        ? 
_refine.ls_wR_factor_R_free                      ? 
_refine.ls_wR_factor_R_work                      ? 
_refine.overall_FOM_free_R_set                   ? 
_refine.overall_FOM_work_R_set                   ? 
_refine.pdbx_diffrn_id                           1 
_refine.pdbx_TLS_residual_ADP_flag               ? 
# 
_refine_hist.pdbx_refine_id                   'X-RAY DIFFRACTION' 
_refine_hist.cycle_id                         LAST 
_refine_hist.pdbx_number_atoms_protein        760 
_refine_hist.pdbx_number_atoms_nucleic_acid   0 
_refine_hist.pdbx_number_atoms_ligand         0 
_refine_hist.number_atoms_solvent             51 
_refine_hist.number_atoms_total               811 
_refine_hist.d_res_high                       1.50 
_refine_hist.d_res_low                        25.81 
# 
loop_
_refine_ls_restr.type 
_refine_ls_restr.dev_ideal 
_refine_ls_restr.dev_ideal_target 
_refine_ls_restr.weight 
_refine_ls_restr.number 
_refine_ls_restr.pdbx_refine_id 
_refine_ls_restr.pdbx_restraint_function 
r_bond_refined_d             0.032  0.022  ? 777  'X-RAY DIFFRACTION' ? 
r_bond_other_d               ?      ?      ? ?    'X-RAY DIFFRACTION' ? 
r_angle_refined_deg          2.493  1.929  ? 1058 'X-RAY DIFFRACTION' ? 
r_angle_other_deg            ?      ?      ? ?    'X-RAY DIFFRACTION' ? 
r_dihedral_angle_1_deg       4.974  5.000  ? 97   'X-RAY DIFFRACTION' ? 
r_dihedral_angle_2_deg       40.955 24.000 ? 40   'X-RAY DIFFRACTION' ? 
r_dihedral_angle_3_deg       16.584 15.000 ? 143  'X-RAY DIFFRACTION' ? 
r_dihedral_angle_4_deg       15.722 15.000 ? 6    'X-RAY DIFFRACTION' ? 
r_chiral_restr               0.173  0.200  ? 124  'X-RAY DIFFRACTION' ? 
r_gen_planes_refined         0.014  0.020  ? 580  'X-RAY DIFFRACTION' ? 
r_gen_planes_other           ?      ?      ? ?    'X-RAY DIFFRACTION' ? 
r_nbd_refined                ?      ?      ? ?    'X-RAY DIFFRACTION' ? 
r_nbd_other                  ?      ?      ? ?    'X-RAY DIFFRACTION' ? 
r_nbtor_refined              ?      ?      ? ?    'X-RAY DIFFRACTION' ? 
r_nbtor_other                ?      ?      ? ?    'X-RAY DIFFRACTION' ? 
r_xyhbond_nbd_refined        ?      ?      ? ?    'X-RAY DIFFRACTION' ? 
r_xyhbond_nbd_other          ?      ?      ? ?    'X-RAY DIFFRACTION' ? 
r_metal_ion_refined          ?      ?      ? ?    'X-RAY DIFFRACTION' ? 
r_metal_ion_other            ?      ?      ? ?    'X-RAY DIFFRACTION' ? 
r_symmetry_vdw_refined       ?      ?      ? ?    'X-RAY DIFFRACTION' ? 
r_symmetry_vdw_other         ?      ?      ? ?    'X-RAY DIFFRACTION' ? 
r_symmetry_hbond_refined     ?      ?      ? ?    'X-RAY DIFFRACTION' ? 
r_symmetry_hbond_other       ?      ?      ? ?    'X-RAY DIFFRACTION' ? 
r_symmetry_metal_ion_refined ?      ?      ? ?    'X-RAY DIFFRACTION' ? 
r_symmetry_metal_ion_other   ?      ?      ? ?    'X-RAY DIFFRACTION' ? 
r_mcbond_it                  1.755  1.500  ? 454  'X-RAY DIFFRACTION' ? 
r_mcbond_other               ?      ?      ? ?    'X-RAY DIFFRACTION' ? 
r_mcangle_it                 3.205  2.000  ? 750  'X-RAY DIFFRACTION' ? 
r_scbond_it                  4.451  3.000  ? 323  'X-RAY DIFFRACTION' ? 
r_scangle_it                 7.613  4.500  ? 303  'X-RAY DIFFRACTION' ? 
r_rigid_bond_restr           ?      ?      ? ?    'X-RAY DIFFRACTION' ? 
r_sphericity_free            ?      ?      ? ?    'X-RAY DIFFRACTION' ? 
r_sphericity_bonded          ?      ?      ? ?    'X-RAY DIFFRACTION' ? 
# 
_refine_ls_shell.pdbx_refine_id                   'X-RAY DIFFRACTION' 
_refine_ls_shell.pdbx_total_number_of_bins_used   20 
_refine_ls_shell.d_res_high                       1.500 
_refine_ls_shell.d_res_low                        1.539 
_refine_ls_shell.number_reflns_R_work             1059 
_refine_ls_shell.R_factor_R_work                  0.245 
_refine_ls_shell.percent_reflns_obs               99.91 
_refine_ls_shell.R_factor_R_free                  0.298 
_refine_ls_shell.R_factor_R_free_error            ? 
_refine_ls_shell.percent_reflns_R_free            ? 
_refine_ls_shell.number_reflns_R_free             50 
_refine_ls_shell.number_reflns_all                ? 
_refine_ls_shell.R_factor_all                     ? 
_refine_ls_shell.redundancy_reflns_obs            ? 
_refine_ls_shell.number_reflns_obs                ? 
# 
_struct.entry_id                  3L32 
_struct.title                     'Structure of the dimerisation domain of the rabies virus phosphoprotein' 
_struct.pdbx_model_details        ? 
_struct.pdbx_CASP_flag            ? 
_struct.pdbx_model_type_details   ? 
# 
_struct_keywords.entry_id        3L32 
_struct_keywords.text            'antiparallel alpha-helices, VIRAL PROTEIN, dimerisation domain, rabies virus, phosphoprotein' 
_struct_keywords.pdbx_keywords   'VIRAL PROTEIN' 
# 
loop_
_struct_asym.id 
_struct_asym.pdbx_blank_PDB_chainid_flag 
_struct_asym.pdbx_modified 
_struct_asym.entity_id 
_struct_asym.details 
A N N 1 ? 
B N N 1 ? 
C N N 2 ? 
D N N 2 ? 
# 
_struct_ref.id                         1 
_struct_ref.db_name                    UNP 
_struct_ref.db_code                    PHOSP_RABVR 
_struct_ref.pdbx_db_accession          Q0GBY3 
_struct_ref.entity_id                  1 
_struct_ref.pdbx_seq_one_letter_code   NLLFQSYLDNVGVQIVRQMRSGERFLKIWSQTVEEIVSYVTVNF 
_struct_ref.pdbx_align_begin           90 
_struct_ref.pdbx_db_isoform            ? 
# 
loop_
_struct_ref_seq.align_id 
_struct_ref_seq.ref_id 
_struct_ref_seq.pdbx_PDB_id_code 
_struct_ref_seq.pdbx_strand_id 
_struct_ref_seq.seq_align_beg 
_struct_ref_seq.pdbx_seq_align_beg_ins_code 
_struct_ref_seq.seq_align_end 
_struct_ref_seq.pdbx_seq_align_end_ins_code 
_struct_ref_seq.pdbx_db_accession 
_struct_ref_seq.db_align_beg 
_struct_ref_seq.pdbx_db_align_beg_ins_code 
_struct_ref_seq.db_align_end 
_struct_ref_seq.pdbx_db_align_end_ins_code 
_struct_ref_seq.pdbx_auth_seq_align_beg 
_struct_ref_seq.pdbx_auth_seq_align_end 
1 1 3L32 A 2 ? 45 ? Q0GBY3 90 ? 133 ? 90 133 
2 1 3L32 B 2 ? 45 ? Q0GBY3 90 ? 133 ? 90 133 
# 
loop_
_struct_ref_seq_dif.align_id 
_struct_ref_seq_dif.pdbx_pdb_id_code 
_struct_ref_seq_dif.mon_id 
_struct_ref_seq_dif.pdbx_pdb_strand_id 
_struct_ref_seq_dif.seq_num 
_struct_ref_seq_dif.pdbx_pdb_ins_code 
_struct_ref_seq_dif.pdbx_seq_db_name 
_struct_ref_seq_dif.pdbx_seq_db_accession_code 
_struct_ref_seq_dif.db_mon_id 
_struct_ref_seq_dif.pdbx_seq_db_seq_num 
_struct_ref_seq_dif.details 
_struct_ref_seq_dif.pdbx_auth_seq_num 
_struct_ref_seq_dif.pdbx_ordinal 
1 3L32 MET A 1 ? UNP Q0GBY3 ? ? 'expression tag' 89 1 
2 3L32 MET B 1 ? UNP Q0GBY3 ? ? 'expression tag' 89 2 
# 
_pdbx_struct_assembly.id                   1 
_pdbx_struct_assembly.details              author_and_software_defined_assembly 
_pdbx_struct_assembly.method_details       PISA 
_pdbx_struct_assembly.oligomeric_details   dimeric 
_pdbx_struct_assembly.oligomeric_count     2 
# 
loop_
_pdbx_struct_assembly_prop.biol_id 
_pdbx_struct_assembly_prop.type 
_pdbx_struct_assembly_prop.value 
_pdbx_struct_assembly_prop.details 
1 'ABSA (A^2)' 1570 ? 
1 MORE         -21  ? 
1 'SSA (A^2)'  5670 ? 
# 
_pdbx_struct_assembly_gen.assembly_id       1 
_pdbx_struct_assembly_gen.oper_expression   1 
_pdbx_struct_assembly_gen.asym_id_list      A,B,C,D 
# 
_pdbx_struct_oper_list.id                   1 
_pdbx_struct_oper_list.type                 'identity operation' 
_pdbx_struct_oper_list.name                 1_555 
_pdbx_struct_oper_list.symmetry_operation   x,y,z 
_pdbx_struct_oper_list.matrix[1][1]         1.0000000000 
_pdbx_struct_oper_list.matrix[1][2]         0.0000000000 
_pdbx_struct_oper_list.matrix[1][3]         0.0000000000 
_pdbx_struct_oper_list.vector[1]            0.0000000000 
_pdbx_struct_oper_list.matrix[2][1]         0.0000000000 
_pdbx_struct_oper_list.matrix[2][2]         1.0000000000 
_pdbx_struct_oper_list.matrix[2][3]         0.0000000000 
_pdbx_struct_oper_list.vector[2]            0.0000000000 
_pdbx_struct_oper_list.matrix[3][1]         0.0000000000 
_pdbx_struct_oper_list.matrix[3][2]         0.0000000000 
_pdbx_struct_oper_list.matrix[3][3]         1.0000000000 
_pdbx_struct_oper_list.vector[3]            0.0000000000 
# 
_struct_biol.id        1 
_struct_biol.details   ? 
# 
loop_
_struct_conf.conf_type_id 
_struct_conf.id 
_struct_conf.pdbx_PDB_helix_id 
_struct_conf.beg_label_comp_id 
_struct_conf.beg_label_asym_id 
_struct_conf.beg_label_seq_id 
_struct_conf.pdbx_beg_PDB_ins_code 
_struct_conf.end_label_comp_id 
_struct_conf.end_label_asym_id 
_struct_conf.end_label_seq_id 
_struct_conf.pdbx_end_PDB_ins_code 
_struct_conf.beg_auth_comp_id 
_struct_conf.beg_auth_asym_id 
_struct_conf.beg_auth_seq_id 
_struct_conf.end_auth_comp_id 
_struct_conf.end_auth_asym_id 
_struct_conf.end_auth_seq_id 
_struct_conf.pdbx_PDB_helix_class 
_struct_conf.details 
_struct_conf.pdbx_PDB_helix_length 
HELX_P HELX_P1 1 ASN A 2  ? ARG A 21 ? ASN A 90  ARG A 109 1 ? 20 
HELX_P HELX_P2 2 ARG A 25 ? PHE A 45 ? ARG A 113 PHE A 133 1 ? 21 
HELX_P HELX_P3 3 ASN B 2  ? SER B 22 ? ASN B 90  SER B 110 1 ? 21 
HELX_P HELX_P4 4 ARG B 25 ? PHE B 45 ? ARG B 113 PHE B 133 1 ? 21 
# 
_struct_conf_type.id          HELX_P 
_struct_conf_type.criteria    ? 
_struct_conf_type.reference   ? 
# 
_struct_mon_prot_cis.pdbx_id                1 
_struct_mon_prot_cis.label_comp_id          MET 
_struct_mon_prot_cis.label_seq_id           1 
_struct_mon_prot_cis.label_asym_id          B 
_struct_mon_prot_cis.label_alt_id           . 
_struct_mon_prot_cis.pdbx_PDB_ins_code      ? 
_struct_mon_prot_cis.auth_comp_id           MET 
_struct_mon_prot_cis.auth_seq_id            89 
_struct_mon_prot_cis.auth_asym_id           B 
_struct_mon_prot_cis.pdbx_label_comp_id_2   ASN 
_struct_mon_prot_cis.pdbx_label_seq_id_2    2 
_struct_mon_prot_cis.pdbx_label_asym_id_2   B 
_struct_mon_prot_cis.pdbx_PDB_ins_code_2    ? 
_struct_mon_prot_cis.pdbx_auth_comp_id_2    ASN 
_struct_mon_prot_cis.pdbx_auth_seq_id_2     90 
_struct_mon_prot_cis.pdbx_auth_asym_id_2    B 
_struct_mon_prot_cis.pdbx_PDB_model_num     1 
_struct_mon_prot_cis.pdbx_omega_angle       -9.16 
# 
_pdbx_validate_close_contact.id               1 
_pdbx_validate_close_contact.PDB_model_num    1 
_pdbx_validate_close_contact.auth_atom_id_1   O 
_pdbx_validate_close_contact.auth_asym_id_1   A 
_pdbx_validate_close_contact.auth_comp_id_1   HOH 
_pdbx_validate_close_contact.auth_seq_id_1    13 
_pdbx_validate_close_contact.PDB_ins_code_1   ? 
_pdbx_validate_close_contact.label_alt_id_1   ? 
_pdbx_validate_close_contact.auth_atom_id_2   O 
_pdbx_validate_close_contact.auth_asym_id_2   A 
_pdbx_validate_close_contact.auth_comp_id_2   HOH 
_pdbx_validate_close_contact.auth_seq_id_2    46 
_pdbx_validate_close_contact.PDB_ins_code_2   ? 
_pdbx_validate_close_contact.label_alt_id_2   ? 
_pdbx_validate_close_contact.dist             2.13 
# 
loop_
_pdbx_validate_rmsd_angle.id 
_pdbx_validate_rmsd_angle.PDB_model_num 
_pdbx_validate_rmsd_angle.auth_atom_id_1 
_pdbx_validate_rmsd_angle.auth_asym_id_1 
_pdbx_validate_rmsd_angle.auth_comp_id_1 
_pdbx_validate_rmsd_angle.auth_seq_id_1 
_pdbx_validate_rmsd_angle.PDB_ins_code_1 
_pdbx_validate_rmsd_angle.label_alt_id_1 
_pdbx_validate_rmsd_angle.auth_atom_id_2 
_pdbx_validate_rmsd_angle.auth_asym_id_2 
_pdbx_validate_rmsd_angle.auth_comp_id_2 
_pdbx_validate_rmsd_angle.auth_seq_id_2 
_pdbx_validate_rmsd_angle.PDB_ins_code_2 
_pdbx_validate_rmsd_angle.label_alt_id_2 
_pdbx_validate_rmsd_angle.auth_atom_id_3 
_pdbx_validate_rmsd_angle.auth_asym_id_3 
_pdbx_validate_rmsd_angle.auth_comp_id_3 
_pdbx_validate_rmsd_angle.auth_seq_id_3 
_pdbx_validate_rmsd_angle.PDB_ins_code_3 
_pdbx_validate_rmsd_angle.label_alt_id_3 
_pdbx_validate_rmsd_angle.angle_value 
_pdbx_validate_rmsd_angle.angle_target_value 
_pdbx_validate_rmsd_angle.angle_deviation 
_pdbx_validate_rmsd_angle.angle_standard_deviation 
_pdbx_validate_rmsd_angle.linker_flag 
1 1 CB A TYR 96  ? ? CG  A TYR 96  ? ? CD2 A TYR 96  ? ? 117.31 121.00 -3.69 0.60 N 
2 1 CB A ASP 98  ? ? CG  A ASP 98  ? ? OD2 A ASP 98  ? ? 110.11 118.30 -8.19 0.90 N 
3 1 CG B MET 89  ? ? SD  B MET 89  ? ? CE  B MET 89  ? ? 110.78 100.20 10.58 1.60 N 
4 1 CB B ASP 98  ? ? CG  B ASP 98  ? ? OD2 B ASP 98  ? ? 112.07 118.30 -6.23 0.90 N 
5 1 NE B ARG 109 ? ? CZ  B ARG 109 ? ? NH1 B ARG 109 ? ? 125.21 120.30 4.91  0.50 N 
6 1 NE B ARG 109 ? ? CZ  B ARG 109 ? ? NH2 B ARG 109 ? ? 116.41 120.30 -3.89 0.50 N 
7 1 CB B TYR 128 ? ? CG  B TYR 128 ? ? CD1 B TYR 128 ? ? 115.95 121.00 -5.05 0.60 N 
8 1 CG B TYR 128 ? ? CD1 B TYR 128 ? ? CE1 B TYR 128 ? ? 115.80 121.30 -5.50 0.80 N 
# 
_pdbx_unobs_or_zero_occ_residues.id               1 
_pdbx_unobs_or_zero_occ_residues.PDB_model_num    1 
_pdbx_unobs_or_zero_occ_residues.polymer_flag     Y 
_pdbx_unobs_or_zero_occ_residues.occupancy_flag   1 
_pdbx_unobs_or_zero_occ_residues.auth_asym_id     A 
_pdbx_unobs_or_zero_occ_residues.auth_comp_id     MET 
_pdbx_unobs_or_zero_occ_residues.auth_seq_id      89 
_pdbx_unobs_or_zero_occ_residues.PDB_ins_code     ? 
_pdbx_unobs_or_zero_occ_residues.label_asym_id    A 
_pdbx_unobs_or_zero_occ_residues.label_comp_id    MET 
_pdbx_unobs_or_zero_occ_residues.label_seq_id     1 
# 
loop_
_chem_comp_atom.comp_id 
_chem_comp_atom.atom_id 
_chem_comp_atom.type_symbol 
_chem_comp_atom.pdbx_aromatic_flag 
_chem_comp_atom.pdbx_stereo_config 
_chem_comp_atom.pdbx_ordinal 
ARG N    N N N 1   
ARG CA   C N S 2   
ARG C    C N N 3   
ARG O    O N N 4   
ARG CB   C N N 5   
ARG CG   C N N 6   
ARG CD   C N N 7   
ARG NE   N N N 8   
ARG CZ   C N N 9   
ARG NH1  N N N 10  
ARG NH2  N N N 11  
ARG OXT  O N N 12  
ARG H    H N N 13  
ARG H2   H N N 14  
ARG HA   H N N 15  
ARG HB2  H N N 16  
ARG HB3  H N N 17  
ARG HG2  H N N 18  
ARG HG3  H N N 19  
ARG HD2  H N N 20  
ARG HD3  H N N 21  
ARG HE   H N N 22  
ARG HH11 H N N 23  
ARG HH12 H N N 24  
ARG HH21 H N N 25  
ARG HH22 H N N 26  
ARG HXT  H N N 27  
ASN N    N N N 28  
ASN CA   C N S 29  
ASN C    C N N 30  
ASN O    O N N 31  
ASN CB   C N N 32  
ASN CG   C N N 33  
ASN OD1  O N N 34  
ASN ND2  N N N 35  
ASN OXT  O N N 36  
ASN H    H N N 37  
ASN H2   H N N 38  
ASN HA   H N N 39  
ASN HB2  H N N 40  
ASN HB3  H N N 41  
ASN HD21 H N N 42  
ASN HD22 H N N 43  
ASN HXT  H N N 44  
ASP N    N N N 45  
ASP CA   C N S 46  
ASP C    C N N 47  
ASP O    O N N 48  
ASP CB   C N N 49  
ASP CG   C N N 50  
ASP OD1  O N N 51  
ASP OD2  O N N 52  
ASP OXT  O N N 53  
ASP H    H N N 54  
ASP H2   H N N 55  
ASP HA   H N N 56  
ASP HB2  H N N 57  
ASP HB3  H N N 58  
ASP HD2  H N N 59  
ASP HXT  H N N 60  
GLN N    N N N 61  
GLN CA   C N S 62  
GLN C    C N N 63  
GLN O    O N N 64  
GLN CB   C N N 65  
GLN CG   C N N 66  
GLN CD   C N N 67  
GLN OE1  O N N 68  
GLN NE2  N N N 69  
GLN OXT  O N N 70  
GLN H    H N N 71  
GLN H2   H N N 72  
GLN HA   H N N 73  
GLN HB2  H N N 74  
GLN HB3  H N N 75  
GLN HG2  H N N 76  
GLN HG3  H N N 77  
GLN HE21 H N N 78  
GLN HE22 H N N 79  
GLN HXT  H N N 80  
GLU N    N N N 81  
GLU CA   C N S 82  
GLU C    C N N 83  
GLU O    O N N 84  
GLU CB   C N N 85  
GLU CG   C N N 86  
GLU CD   C N N 87  
GLU OE1  O N N 88  
GLU OE2  O N N 89  
GLU OXT  O N N 90  
GLU H    H N N 91  
GLU H2   H N N 92  
GLU HA   H N N 93  
GLU HB2  H N N 94  
GLU HB3  H N N 95  
GLU HG2  H N N 96  
GLU HG3  H N N 97  
GLU HE2  H N N 98  
GLU HXT  H N N 99  
GLY N    N N N 100 
GLY CA   C N N 101 
GLY C    C N N 102 
GLY O    O N N 103 
GLY OXT  O N N 104 
GLY H    H N N 105 
GLY H2   H N N 106 
GLY HA2  H N N 107 
GLY HA3  H N N 108 
GLY HXT  H N N 109 
HOH O    O N N 110 
HOH H1   H N N 111 
HOH H2   H N N 112 
ILE N    N N N 113 
ILE CA   C N S 114 
ILE C    C N N 115 
ILE O    O N N 116 
ILE CB   C N S 117 
ILE CG1  C N N 118 
ILE CG2  C N N 119 
ILE CD1  C N N 120 
ILE OXT  O N N 121 
ILE H    H N N 122 
ILE H2   H N N 123 
ILE HA   H N N 124 
ILE HB   H N N 125 
ILE HG12 H N N 126 
ILE HG13 H N N 127 
ILE HG21 H N N 128 
ILE HG22 H N N 129 
ILE HG23 H N N 130 
ILE HD11 H N N 131 
ILE HD12 H N N 132 
ILE HD13 H N N 133 
ILE HXT  H N N 134 
LEU N    N N N 135 
LEU CA   C N S 136 
LEU C    C N N 137 
LEU O    O N N 138 
LEU CB   C N N 139 
LEU CG   C N N 140 
LEU CD1  C N N 141 
LEU CD2  C N N 142 
LEU OXT  O N N 143 
LEU H    H N N 144 
LEU H2   H N N 145 
LEU HA   H N N 146 
LEU HB2  H N N 147 
LEU HB3  H N N 148 
LEU HG   H N N 149 
LEU HD11 H N N 150 
LEU HD12 H N N 151 
LEU HD13 H N N 152 
LEU HD21 H N N 153 
LEU HD22 H N N 154 
LEU HD23 H N N 155 
LEU HXT  H N N 156 
LYS N    N N N 157 
LYS CA   C N S 158 
LYS C    C N N 159 
LYS O    O N N 160 
LYS CB   C N N 161 
LYS CG   C N N 162 
LYS CD   C N N 163 
LYS CE   C N N 164 
LYS NZ   N N N 165 
LYS OXT  O N N 166 
LYS H    H N N 167 
LYS H2   H N N 168 
LYS HA   H N N 169 
LYS HB2  H N N 170 
LYS HB3  H N N 171 
LYS HG2  H N N 172 
LYS HG3  H N N 173 
LYS HD2  H N N 174 
LYS HD3  H N N 175 
LYS HE2  H N N 176 
LYS HE3  H N N 177 
LYS HZ1  H N N 178 
LYS HZ2  H N N 179 
LYS HZ3  H N N 180 
LYS HXT  H N N 181 
MET N    N N N 182 
MET CA   C N S 183 
MET C    C N N 184 
MET O    O N N 185 
MET CB   C N N 186 
MET CG   C N N 187 
MET SD   S N N 188 
MET CE   C N N 189 
MET OXT  O N N 190 
MET H    H N N 191 
MET H2   H N N 192 
MET HA   H N N 193 
MET HB2  H N N 194 
MET HB3  H N N 195 
MET HG2  H N N 196 
MET HG3  H N N 197 
MET HE1  H N N 198 
MET HE2  H N N 199 
MET HE3  H N N 200 
MET HXT  H N N 201 
PHE N    N N N 202 
PHE CA   C N S 203 
PHE C    C N N 204 
PHE O    O N N 205 
PHE CB   C N N 206 
PHE CG   C Y N 207 
PHE CD1  C Y N 208 
PHE CD2  C Y N 209 
PHE CE1  C Y N 210 
PHE CE2  C Y N 211 
PHE CZ   C Y N 212 
PHE OXT  O N N 213 
PHE H    H N N 214 
PHE H2   H N N 215 
PHE HA   H N N 216 
PHE HB2  H N N 217 
PHE HB3  H N N 218 
PHE HD1  H N N 219 
PHE HD2  H N N 220 
PHE HE1  H N N 221 
PHE HE2  H N N 222 
PHE HZ   H N N 223 
PHE HXT  H N N 224 
SER N    N N N 225 
SER CA   C N S 226 
SER C    C N N 227 
SER O    O N N 228 
SER CB   C N N 229 
SER OG   O N N 230 
SER OXT  O N N 231 
SER H    H N N 232 
SER H2   H N N 233 
SER HA   H N N 234 
SER HB2  H N N 235 
SER HB3  H N N 236 
SER HG   H N N 237 
SER HXT  H N N 238 
THR N    N N N 239 
THR CA   C N S 240 
THR C    C N N 241 
THR O    O N N 242 
THR CB   C N R 243 
THR OG1  O N N 244 
THR CG2  C N N 245 
THR OXT  O N N 246 
THR H    H N N 247 
THR H2   H N N 248 
THR HA   H N N 249 
THR HB   H N N 250 
THR HG1  H N N 251 
THR HG21 H N N 252 
THR HG22 H N N 253 
THR HG23 H N N 254 
THR HXT  H N N 255 
TRP N    N N N 256 
TRP CA   C N S 257 
TRP C    C N N 258 
TRP O    O N N 259 
TRP CB   C N N 260 
TRP CG   C Y N 261 
TRP CD1  C Y N 262 
TRP CD2  C Y N 263 
TRP NE1  N Y N 264 
TRP CE2  C Y N 265 
TRP CE3  C Y N 266 
TRP CZ2  C Y N 267 
TRP CZ3  C Y N 268 
TRP CH2  C Y N 269 
TRP OXT  O N N 270 
TRP H    H N N 271 
TRP H2   H N N 272 
TRP HA   H N N 273 
TRP HB2  H N N 274 
TRP HB3  H N N 275 
TRP HD1  H N N 276 
TRP HE1  H N N 277 
TRP HE3  H N N 278 
TRP HZ2  H N N 279 
TRP HZ3  H N N 280 
TRP HH2  H N N 281 
TRP HXT  H N N 282 
TYR N    N N N 283 
TYR CA   C N S 284 
TYR C    C N N 285 
TYR O    O N N 286 
TYR CB   C N N 287 
TYR CG   C Y N 288 
TYR CD1  C Y N 289 
TYR CD2  C Y N 290 
TYR CE1  C Y N 291 
TYR CE2  C Y N 292 
TYR CZ   C Y N 293 
TYR OH   O N N 294 
TYR OXT  O N N 295 
TYR H    H N N 296 
TYR H2   H N N 297 
TYR HA   H N N 298 
TYR HB2  H N N 299 
TYR HB3  H N N 300 
TYR HD1  H N N 301 
TYR HD2  H N N 302 
TYR HE1  H N N 303 
TYR HE2  H N N 304 
TYR HH   H N N 305 
TYR HXT  H N N 306 
VAL N    N N N 307 
VAL CA   C N S 308 
VAL C    C N N 309 
VAL O    O N N 310 
VAL CB   C N N 311 
VAL CG1  C N N 312 
VAL CG2  C N N 313 
VAL OXT  O N N 314 
VAL H    H N N 315 
VAL H2   H N N 316 
VAL HA   H N N 317 
VAL HB   H N N 318 
VAL HG11 H N N 319 
VAL HG12 H N N 320 
VAL HG13 H N N 321 
VAL HG21 H N N 322 
VAL HG22 H N N 323 
VAL HG23 H N N 324 
VAL HXT  H N N 325 
# 
loop_
_chem_comp_bond.comp_id 
_chem_comp_bond.atom_id_1 
_chem_comp_bond.atom_id_2 
_chem_comp_bond.value_order 
_chem_comp_bond.pdbx_aromatic_flag 
_chem_comp_bond.pdbx_stereo_config 
_chem_comp_bond.pdbx_ordinal 
ARG N   CA   sing N N 1   
ARG N   H    sing N N 2   
ARG N   H2   sing N N 3   
ARG CA  C    sing N N 4   
ARG CA  CB   sing N N 5   
ARG CA  HA   sing N N 6   
ARG C   O    doub N N 7   
ARG C   OXT  sing N N 8   
ARG CB  CG   sing N N 9   
ARG CB  HB2  sing N N 10  
ARG CB  HB3  sing N N 11  
ARG CG  CD   sing N N 12  
ARG CG  HG2  sing N N 13  
ARG CG  HG3  sing N N 14  
ARG CD  NE   sing N N 15  
ARG CD  HD2  sing N N 16  
ARG CD  HD3  sing N N 17  
ARG NE  CZ   sing N N 18  
ARG NE  HE   sing N N 19  
ARG CZ  NH1  sing N N 20  
ARG CZ  NH2  doub N N 21  
ARG NH1 HH11 sing N N 22  
ARG NH1 HH12 sing N N 23  
ARG NH2 HH21 sing N N 24  
ARG NH2 HH22 sing N N 25  
ARG OXT HXT  sing N N 26  
ASN N   CA   sing N N 27  
ASN N   H    sing N N 28  
ASN N   H2   sing N N 29  
ASN CA  C    sing N N 30  
ASN CA  CB   sing N N 31  
ASN CA  HA   sing N N 32  
ASN C   O    doub N N 33  
ASN C   OXT  sing N N 34  
ASN CB  CG   sing N N 35  
ASN CB  HB2  sing N N 36  
ASN CB  HB3  sing N N 37  
ASN CG  OD1  doub N N 38  
ASN CG  ND2  sing N N 39  
ASN ND2 HD21 sing N N 40  
ASN ND2 HD22 sing N N 41  
ASN OXT HXT  sing N N 42  
ASP N   CA   sing N N 43  
ASP N   H    sing N N 44  
ASP N   H2   sing N N 45  
ASP CA  C    sing N N 46  
ASP CA  CB   sing N N 47  
ASP CA  HA   sing N N 48  
ASP C   O    doub N N 49  
ASP C   OXT  sing N N 50  
ASP CB  CG   sing N N 51  
ASP CB  HB2  sing N N 52  
ASP CB  HB3  sing N N 53  
ASP CG  OD1  doub N N 54  
ASP CG  OD2  sing N N 55  
ASP OD2 HD2  sing N N 56  
ASP OXT HXT  sing N N 57  
GLN N   CA   sing N N 58  
GLN N   H    sing N N 59  
GLN N   H2   sing N N 60  
GLN CA  C    sing N N 61  
GLN CA  CB   sing N N 62  
GLN CA  HA   sing N N 63  
GLN C   O    doub N N 64  
GLN C   OXT  sing N N 65  
GLN CB  CG   sing N N 66  
GLN CB  HB2  sing N N 67  
GLN CB  HB3  sing N N 68  
GLN CG  CD   sing N N 69  
GLN CG  HG2  sing N N 70  
GLN CG  HG3  sing N N 71  
GLN CD  OE1  doub N N 72  
GLN CD  NE2  sing N N 73  
GLN NE2 HE21 sing N N 74  
GLN NE2 HE22 sing N N 75  
GLN OXT HXT  sing N N 76  
GLU N   CA   sing N N 77  
GLU N   H    sing N N 78  
GLU N   H2   sing N N 79  
GLU CA  C    sing N N 80  
GLU CA  CB   sing N N 81  
GLU CA  HA   sing N N 82  
GLU C   O    doub N N 83  
GLU C   OXT  sing N N 84  
GLU CB  CG   sing N N 85  
GLU CB  HB2  sing N N 86  
GLU CB  HB3  sing N N 87  
GLU CG  CD   sing N N 88  
GLU CG  HG2  sing N N 89  
GLU CG  HG3  sing N N 90  
GLU CD  OE1  doub N N 91  
GLU CD  OE2  sing N N 92  
GLU OE2 HE2  sing N N 93  
GLU OXT HXT  sing N N 94  
GLY N   CA   sing N N 95  
GLY N   H    sing N N 96  
GLY N   H2   sing N N 97  
GLY CA  C    sing N N 98  
GLY CA  HA2  sing N N 99  
GLY CA  HA3  sing N N 100 
GLY C   O    doub N N 101 
GLY C   OXT  sing N N 102 
GLY OXT HXT  sing N N 103 
HOH O   H1   sing N N 104 
HOH O   H2   sing N N 105 
ILE N   CA   sing N N 106 
ILE N   H    sing N N 107 
ILE N   H2   sing N N 108 
ILE CA  C    sing N N 109 
ILE CA  CB   sing N N 110 
ILE CA  HA   sing N N 111 
ILE C   O    doub N N 112 
ILE C   OXT  sing N N 113 
ILE CB  CG1  sing N N 114 
ILE CB  CG2  sing N N 115 
ILE CB  HB   sing N N 116 
ILE CG1 CD1  sing N N 117 
ILE CG1 HG12 sing N N 118 
ILE CG1 HG13 sing N N 119 
ILE CG2 HG21 sing N N 120 
ILE CG2 HG22 sing N N 121 
ILE CG2 HG23 sing N N 122 
ILE CD1 HD11 sing N N 123 
ILE CD1 HD12 sing N N 124 
ILE CD1 HD13 sing N N 125 
ILE OXT HXT  sing N N 126 
LEU N   CA   sing N N 127 
LEU N   H    sing N N 128 
LEU N   H2   sing N N 129 
LEU CA  C    sing N N 130 
LEU CA  CB   sing N N 131 
LEU CA  HA   sing N N 132 
LEU C   O    doub N N 133 
LEU C   OXT  sing N N 134 
LEU CB  CG   sing N N 135 
LEU CB  HB2  sing N N 136 
LEU CB  HB3  sing N N 137 
LEU CG  CD1  sing N N 138 
LEU CG  CD2  sing N N 139 
LEU CG  HG   sing N N 140 
LEU CD1 HD11 sing N N 141 
LEU CD1 HD12 sing N N 142 
LEU CD1 HD13 sing N N 143 
LEU CD2 HD21 sing N N 144 
LEU CD2 HD22 sing N N 145 
LEU CD2 HD23 sing N N 146 
LEU OXT HXT  sing N N 147 
LYS N   CA   sing N N 148 
LYS N   H    sing N N 149 
LYS N   H2   sing N N 150 
LYS CA  C    sing N N 151 
LYS CA  CB   sing N N 152 
LYS CA  HA   sing N N 153 
LYS C   O    doub N N 154 
LYS C   OXT  sing N N 155 
LYS CB  CG   sing N N 156 
LYS CB  HB2  sing N N 157 
LYS CB  HB3  sing N N 158 
LYS CG  CD   sing N N 159 
LYS CG  HG2  sing N N 160 
LYS CG  HG3  sing N N 161 
LYS CD  CE   sing N N 162 
LYS CD  HD2  sing N N 163 
LYS CD  HD3  sing N N 164 
LYS CE  NZ   sing N N 165 
LYS CE  HE2  sing N N 166 
LYS CE  HE3  sing N N 167 
LYS NZ  HZ1  sing N N 168 
LYS NZ  HZ2  sing N N 169 
LYS NZ  HZ3  sing N N 170 
LYS OXT HXT  sing N N 171 
MET N   CA   sing N N 172 
MET N   H    sing N N 173 
MET N   H2   sing N N 174 
MET CA  C    sing N N 175 
MET CA  CB   sing N N 176 
MET CA  HA   sing N N 177 
MET C   O    doub N N 178 
MET C   OXT  sing N N 179 
MET CB  CG   sing N N 180 
MET CB  HB2  sing N N 181 
MET CB  HB3  sing N N 182 
MET CG  SD   sing N N 183 
MET CG  HG2  sing N N 184 
MET CG  HG3  sing N N 185 
MET SD  CE   sing N N 186 
MET CE  HE1  sing N N 187 
MET CE  HE2  sing N N 188 
MET CE  HE3  sing N N 189 
MET OXT HXT  sing N N 190 
PHE N   CA   sing N N 191 
PHE N   H    sing N N 192 
PHE N   H2   sing N N 193 
PHE CA  C    sing N N 194 
PHE CA  CB   sing N N 195 
PHE CA  HA   sing N N 196 
PHE C   O    doub N N 197 
PHE C   OXT  sing N N 198 
PHE CB  CG   sing N N 199 
PHE CB  HB2  sing N N 200 
PHE CB  HB3  sing N N 201 
PHE CG  CD1  doub Y N 202 
PHE CG  CD2  sing Y N 203 
PHE CD1 CE1  sing Y N 204 
PHE CD1 HD1  sing N N 205 
PHE CD2 CE2  doub Y N 206 
PHE CD2 HD2  sing N N 207 
PHE CE1 CZ   doub Y N 208 
PHE CE1 HE1  sing N N 209 
PHE CE2 CZ   sing Y N 210 
PHE CE2 HE2  sing N N 211 
PHE CZ  HZ   sing N N 212 
PHE OXT HXT  sing N N 213 
SER N   CA   sing N N 214 
SER N   H    sing N N 215 
SER N   H2   sing N N 216 
SER CA  C    sing N N 217 
SER CA  CB   sing N N 218 
SER CA  HA   sing N N 219 
SER C   O    doub N N 220 
SER C   OXT  sing N N 221 
SER CB  OG   sing N N 222 
SER CB  HB2  sing N N 223 
SER CB  HB3  sing N N 224 
SER OG  HG   sing N N 225 
SER OXT HXT  sing N N 226 
THR N   CA   sing N N 227 
THR N   H    sing N N 228 
THR N   H2   sing N N 229 
THR CA  C    sing N N 230 
THR CA  CB   sing N N 231 
THR CA  HA   sing N N 232 
THR C   O    doub N N 233 
THR C   OXT  sing N N 234 
THR CB  OG1  sing N N 235 
THR CB  CG2  sing N N 236 
THR CB  HB   sing N N 237 
THR OG1 HG1  sing N N 238 
THR CG2 HG21 sing N N 239 
THR CG2 HG22 sing N N 240 
THR CG2 HG23 sing N N 241 
THR OXT HXT  sing N N 242 
TRP N   CA   sing N N 243 
TRP N   H    sing N N 244 
TRP N   H2   sing N N 245 
TRP CA  C    sing N N 246 
TRP CA  CB   sing N N 247 
TRP CA  HA   sing N N 248 
TRP C   O    doub N N 249 
TRP C   OXT  sing N N 250 
TRP CB  CG   sing N N 251 
TRP CB  HB2  sing N N 252 
TRP CB  HB3  sing N N 253 
TRP CG  CD1  doub Y N 254 
TRP CG  CD2  sing Y N 255 
TRP CD1 NE1  sing Y N 256 
TRP CD1 HD1  sing N N 257 
TRP CD2 CE2  doub Y N 258 
TRP CD2 CE3  sing Y N 259 
TRP NE1 CE2  sing Y N 260 
TRP NE1 HE1  sing N N 261 
TRP CE2 CZ2  sing Y N 262 
TRP CE3 CZ3  doub Y N 263 
TRP CE3 HE3  sing N N 264 
TRP CZ2 CH2  doub Y N 265 
TRP CZ2 HZ2  sing N N 266 
TRP CZ3 CH2  sing Y N 267 
TRP CZ3 HZ3  sing N N 268 
TRP CH2 HH2  sing N N 269 
TRP OXT HXT  sing N N 270 
TYR N   CA   sing N N 271 
TYR N   H    sing N N 272 
TYR N   H2   sing N N 273 
TYR CA  C    sing N N 274 
TYR CA  CB   sing N N 275 
TYR CA  HA   sing N N 276 
TYR C   O    doub N N 277 
TYR C   OXT  sing N N 278 
TYR CB  CG   sing N N 279 
TYR CB  HB2  sing N N 280 
TYR CB  HB3  sing N N 281 
TYR CG  CD1  doub Y N 282 
TYR CG  CD2  sing Y N 283 
TYR CD1 CE1  sing Y N 284 
TYR CD1 HD1  sing N N 285 
TYR CD2 CE2  doub Y N 286 
TYR CD2 HD2  sing N N 287 
TYR CE1 CZ   doub Y N 288 
TYR CE1 HE1  sing N N 289 
TYR CE2 CZ   sing Y N 290 
TYR CE2 HE2  sing N N 291 
TYR CZ  OH   sing N N 292 
TYR OH  HH   sing N N 293 
TYR OXT HXT  sing N N 294 
VAL N   CA   sing N N 295 
VAL N   H    sing N N 296 
VAL N   H2   sing N N 297 
VAL CA  C    sing N N 298 
VAL CA  CB   sing N N 299 
VAL CA  HA   sing N N 300 
VAL C   O    doub N N 301 
VAL C   OXT  sing N N 302 
VAL CB  CG1  sing N N 303 
VAL CB  CG2  sing N N 304 
VAL CB  HB   sing N N 305 
VAL CG1 HG11 sing N N 306 
VAL CG1 HG12 sing N N 307 
VAL CG1 HG13 sing N N 308 
VAL CG2 HG21 sing N N 309 
VAL CG2 HG22 sing N N 310 
VAL CG2 HG23 sing N N 311 
VAL OXT HXT  sing N N 312 
# 
_atom_sites.entry_id                    3L32 
_atom_sites.fract_transf_matrix[1][1]   -0.01801966 
_atom_sites.fract_transf_matrix[1][2]   0.00611860 
_atom_sites.fract_transf_matrix[1][3]   -0.01309445 
_atom_sites.fract_transf_matrix[2][1]   -0.01366062 
_atom_sites.fract_transf_matrix[2][2]   -0.01404593 
_atom_sites.fract_transf_matrix[2][3]   0.01223558 
_atom_sites.fract_transf_matrix[3][1]   -0.00106441 
_atom_sites.fract_transf_matrix[3][2]   0.00389772 
_atom_sites.fract_transf_matrix[3][3]   0.00328604 
_atom_sites.fract_transf_vector[1]      0.685755 
_atom_sites.fract_transf_vector[2]      -0.178848 
_atom_sites.fract_transf_vector[3]      0.183589 
# 
loop_
_atom_type.symbol 
C 
N 
O 
S 
# 
loop_
_atom_site.group_PDB 
_atom_site.id 
_atom_site.type_symbol 
_atom_site.label_atom_id 
_atom_site.label_alt_id 
_atom_site.label_comp_id 
_atom_site.label_asym_id 
_atom_site.label_entity_id 
_atom_site.label_seq_id 
_atom_site.pdbx_PDB_ins_code 
_atom_site.Cartn_x 
_atom_site.Cartn_y 
_atom_site.Cartn_z 
_atom_site.occupancy 
_atom_site.B_iso_or_equiv 
_atom_site.pdbx_formal_charge 
_atom_site.auth_seq_id 
_atom_site.auth_comp_id 
_atom_site.auth_asym_id 
_atom_site.auth_atom_id 
_atom_site.pdbx_PDB_model_num 
ATOM   1   N N   . ASN A 1 2  ? -12.294 1.447   9.189   1.00 20.40 ? 90  ASN A N   1 
ATOM   2   C CA  . ASN A 1 2  ? -11.809 0.168   9.823   1.00 16.85 ? 90  ASN A CA  1 
ATOM   3   C C   . ASN A 1 2  ? -10.573 0.547   10.560  1.00 16.52 ? 90  ASN A C   1 
ATOM   4   O O   . ASN A 1 2  ? -9.514  0.655   9.969   1.00 16.43 ? 90  ASN A O   1 
ATOM   5   C CB  . ASN A 1 2  ? -11.463 -0.844  8.723   1.00 18.48 ? 90  ASN A CB  1 
ATOM   6   C CG  . ASN A 1 2  ? -11.088 -2.195  9.294   1.00 21.99 ? 90  ASN A CG  1 
ATOM   7   O OD1 . ASN A 1 2  ? -10.335 -2.376  10.278  1.00 17.92 ? 90  ASN A OD1 1 
ATOM   8   N ND2 . ASN A 1 2  ? -11.747 -3.220  8.762   1.00 27.42 ? 90  ASN A ND2 1 
ATOM   9   N N   . LEU A 1 3  ? -10.677 0.767   11.865  1.00 13.94 ? 91  LEU A N   1 
ATOM   10  C CA  . LEU A 1 3  ? -9.563  1.388   12.594  1.00 13.88 ? 91  LEU A CA  1 
ATOM   11  C C   . LEU A 1 3  ? -8.374  0.431   12.642  1.00 12.71 ? 91  LEU A C   1 
ATOM   12  O O   . LEU A 1 3  ? -7.241  0.884   12.475  1.00 14.03 ? 91  LEU A O   1 
ATOM   13  C CB  . LEU A 1 3  ? -10.097 1.738   14.018  1.00 13.14 ? 91  LEU A CB  1 
ATOM   14  C CG  . LEU A 1 3  ? -8.979  2.246   14.915  1.00 15.81 ? 91  LEU A CG  1 
ATOM   15  C CD1 . LEU A 1 3  ? -8.301  3.543   14.364  1.00 17.31 ? 91  LEU A CD1 1 
ATOM   16  C CD2 . LEU A 1 3  ? -9.670  2.444   16.338  1.00 16.52 ? 91  LEU A CD2 1 
ATOM   17  N N   . LEU A 1 4  ? -8.638  -0.875  12.836  1.00 12.67 ? 92  LEU A N   1 
ATOM   18  C CA  . LEU A 1 4  ? -7.499  -1.793  12.972  1.00 12.09 ? 92  LEU A CA  1 
ATOM   19  C C   . LEU A 1 4  ? -6.732  -1.843  11.648  1.00 11.78 ? 92  LEU A C   1 
ATOM   20  O O   . LEU A 1 4  ? -5.491  -1.801  11.647  1.00 12.51 ? 92  LEU A O   1 
ATOM   21  C CB  . LEU A 1 4  ? -7.940  -3.162  13.386  1.00 11.73 ? 92  LEU A CB  1 
ATOM   22  C CG  . LEU A 1 4  ? -6.788  -4.086  13.749  1.00 12.61 ? 92  LEU A CG  1 
ATOM   23  C CD1 . LEU A 1 4  ? -6.021  -3.597  15.044  1.00 13.89 ? 92  LEU A CD1 1 
ATOM   24  C CD2 . LEU A 1 4  ? -7.369  -5.501  13.974  1.00 13.41 ? 92  LEU A CD2 1 
ATOM   25  N N   . PHE A 1 5  ? -7.407  -1.848  10.503  1.00 11.80 ? 93  PHE A N   1 
ATOM   26  C CA  . PHE A 1 5  ? -6.700  -1.938  9.265   1.00 10.99 ? 93  PHE A CA  1 
ATOM   27  C C   . PHE A 1 5  ? -6.081  -0.648  8.885   1.00 12.34 ? 93  PHE A C   1 
ATOM   28  O O   . PHE A 1 5  ? -4.970  -0.608  8.343   1.00 12.20 ? 93  PHE A O   1 
ATOM   29  C CB  . PHE A 1 5  ? -7.714  -2.405  8.181   1.00 12.57 ? 93  PHE A CB  1 
ATOM   30  C CG  . PHE A 1 5  ? -7.093  -2.795  6.814   1.00 11.79 ? 93  PHE A CG  1 
ATOM   31  C CD1 . PHE A 1 5  ? -5.806  -3.276  6.688   1.00 13.38 ? 93  PHE A CD1 1 
ATOM   32  C CD2 . PHE A 1 5  ? -7.845  -2.615  5.681   1.00 15.94 ? 93  PHE A CD2 1 
ATOM   33  C CE1 . PHE A 1 5  ? -5.295  -3.656  5.375   1.00 13.98 ? 93  PHE A CE1 1 
ATOM   34  C CE2 . PHE A 1 5  ? -7.346  -3.007  4.417   1.00 14.31 ? 93  PHE A CE2 1 
ATOM   35  C CZ  . PHE A 1 5  ? -6.081  -3.516  4.274   1.00 14.87 ? 93  PHE A CZ  1 
ATOM   36  N N   . GLN A 1 6  ? -6.783  0.484   9.104   1.00 11.98 ? 94  GLN A N   1 
ATOM   37  C CA  . GLN A 1 6  ? -6.188  1.797   8.845   1.00 13.16 ? 94  GLN A CA  1 
ATOM   38  C C   . GLN A 1 6  ? -4.911  1.945   9.713   1.00 12.45 ? 94  GLN A C   1 
ATOM   39  O O   . GLN A 1 6  ? -3.874  2.413   9.155   1.00 14.35 ? 94  GLN A O   1 
ATOM   40  C CB  . GLN A 1 6  ? -7.193  2.845   9.301   1.00 15.98 ? 94  GLN A CB  1 
ATOM   41  C CG  . GLN A 1 6  ? -6.726  4.221   9.021   1.00 21.00 ? 94  GLN A CG  1 
ATOM   42  C CD  . GLN A 1 6  ? -7.676  5.236   9.628   1.00 31.32 ? 94  GLN A CD  1 
ATOM   43  O OE1 . GLN A 1 6  ? -8.844  4.944   9.835   1.00 36.19 ? 94  GLN A OE1 1 
ATOM   44  N NE2 . GLN A 1 6  ? -7.175  6.429   9.911   1.00 36.87 ? 94  GLN A NE2 1 
ATOM   45  N N   . SER A 1 7  ? -4.946  1.493   10.968  1.00 12.26 ? 95  SER A N   1 
ATOM   46  C CA  A SER A 1 7  ? -3.708  1.735   11.769  0.50 14.68 ? 95  SER A CA  1 
ATOM   47  C CA  B SER A 1 7  ? -3.775  1.605   11.863  0.50 13.90 ? 95  SER A CA  1 
ATOM   48  C C   . SER A 1 7  ? -2.593  0.794   11.304  1.00 13.42 ? 95  SER A C   1 
ATOM   49  O O   . SER A 1 7  ? -1.416  1.240   11.269  1.00 13.67 ? 95  SER A O   1 
ATOM   50  C CB  A SER A 1 7  ? -3.961  1.646   13.257  0.50 16.87 ? 95  SER A CB  1 
ATOM   51  C CB  B SER A 1 7  ? -4.209  1.122   13.214  0.50 14.26 ? 95  SER A CB  1 
ATOM   52  O OG  A SER A 1 7  ? -4.593  0.434   13.531  0.50 19.98 ? 95  SER A OG  1 
ATOM   53  O OG  B SER A 1 7  ? -5.203  1.975   13.738  0.50 17.59 ? 95  SER A OG  1 
ATOM   54  N N   . TYR A 1 8  ? -2.920  -0.423  10.825  1.00 12.79 ? 96  TYR A N   1 
ATOM   55  C CA  . TYR A 1 8  ? -1.925  -1.274  10.284  1.00 11.76 ? 96  TYR A CA  1 
ATOM   56  C C   . TYR A 1 8  ? -1.293  -0.592  9.060   1.00 12.98 ? 96  TYR A C   1 
ATOM   57  O O   . TYR A 1 8  ? -0.057  -0.622  8.860   1.00 12.07 ? 96  TYR A O   1 
ATOM   58  C CB  . TYR A 1 8  ? -2.661  -2.571  9.869   1.00 13.60 ? 96  TYR A CB  1 
ATOM   59  C CG  . TYR A 1 8  ? -1.725  -3.657  9.339   1.00 12.55 ? 96  TYR A CG  1 
ATOM   60  C CD1 . TYR A 1 8  ? -1.074  -4.571  10.223  1.00 12.79 ? 96  TYR A CD1 1 
ATOM   61  C CD2 . TYR A 1 8  ? -1.664  -3.832  7.949   1.00 13.19 ? 96  TYR A CD2 1 
ATOM   62  C CE1 . TYR A 1 8  ? -0.335  -5.662  9.697   1.00 13.01 ? 96  TYR A CE1 1 
ATOM   63  C CE2 . TYR A 1 8  ? -0.848  -4.876  7.405   1.00 13.59 ? 96  TYR A CE2 1 
ATOM   64  C CZ  . TYR A 1 8  ? -0.286  -5.781  8.300   1.00 13.83 ? 96  TYR A CZ  1 
ATOM   65  O OH  . TYR A 1 8  ? 0.479   -6.873  7.915   1.00 16.33 ? 96  TYR A OH  1 
ATOM   66  N N   . LEU A 1 9  ? -2.096  -0.044  8.123   1.00 12.36 ? 97  LEU A N   1 
ATOM   67  C CA  . LEU A 1 9  ? -1.606  0.585   6.921   1.00 12.47 ? 97  LEU A CA  1 
ATOM   68  C C   . LEU A 1 9  ? -0.809  1.845   7.270   1.00 12.90 ? 97  LEU A C   1 
ATOM   69  O O   . LEU A 1 9  ? 0.138   2.167   6.525   1.00 13.63 ? 97  LEU A O   1 
ATOM   70  C CB  . LEU A 1 9  ? -2.733  0.927   5.906   1.00 11.49 ? 97  LEU A CB  1 
ATOM   71  C CG  . LEU A 1 9  ? -3.327  -0.333  5.321   1.00 12.87 ? 97  LEU A CG  1 
ATOM   72  C CD1 . LEU A 1 9  ? -4.703  0.056   4.605   1.00 16.10 ? 97  LEU A CD1 1 
ATOM   73  C CD2 . LEU A 1 9  ? -2.423  -1.056  4.355   1.00 15.49 ? 97  LEU A CD2 1 
ATOM   74  N N   . ASP A 1 10 ? -1.158  2.548   8.341   1.00 13.94 ? 98  ASP A N   1 
ATOM   75  C CA  . ASP A 1 10 ? -0.324  3.715   8.734   1.00 13.28 ? 98  ASP A CA  1 
ATOM   76  C C   . ASP A 1 10 ? 1.062   3.229   9.129   1.00 14.15 ? 98  ASP A C   1 
ATOM   77  O O   . ASP A 1 10 ? 2.068   3.909   8.801   1.00 15.48 ? 98  ASP A O   1 
ATOM   78  C CB  . ASP A 1 10 ? -1.004  4.410   9.923   1.00 13.88 ? 98  ASP A CB  1 
ATOM   79  C CG  . ASP A 1 10 ? -2.259  5.216   9.519   1.00 19.86 ? 98  ASP A CG  1 
ATOM   80  O OD1 . ASP A 1 10 ? -2.444  5.605   8.357   1.00 24.32 ? 98  ASP A OD1 1 
ATOM   81  O OD2 . ASP A 1 10 ? -2.971  5.472   10.556  1.00 25.80 ? 98  ASP A OD2 1 
ATOM   82  N N   . ASN A 1 11 ? 1.116   2.092   9.801   1.00 12.37 ? 99  ASN A N   1 
ATOM   83  C CA  . ASN A 1 11 ? 2.421   1.478   10.141  1.00 12.37 ? 99  ASN A CA  1 
ATOM   84  C C   . ASN A 1 11 ? 3.131   1.090   8.911   1.00 12.42 ? 99  ASN A C   1 
ATOM   85  O O   . ASN A 1 11 ? 4.370   1.411   8.764   1.00 12.47 ? 99  ASN A O   1 
ATOM   86  C CB  . ASN A 1 11 ? 2.185   0.292   11.043  1.00 11.00 ? 99  ASN A CB  1 
ATOM   87  C CG  . ASN A 1 11 ? 3.475   -0.291  11.630  1.00 12.86 ? 99  ASN A CG  1 
ATOM   88  O OD1 . ASN A 1 11 ? 4.261   -0.879  10.903  1.00 12.83 ? 99  ASN A OD1 1 
ATOM   89  N ND2 . ASN A 1 11 ? 3.590   -0.234  12.952  1.00 12.93 ? 99  ASN A ND2 1 
ATOM   90  N N   . VAL A 1 12 ? 2.503   0.462   7.914   1.00 12.47 ? 100 VAL A N   1 
ATOM   91  C CA  . VAL A 1 12 ? 3.196   0.133   6.663   1.00 12.85 ? 100 VAL A CA  1 
ATOM   92  C C   . VAL A 1 12 ? 3.730   1.408   5.997   1.00 13.00 ? 100 VAL A C   1 
ATOM   93  O O   . VAL A 1 12 ? 4.850   1.323   5.412   1.00 13.26 ? 100 VAL A O   1 
ATOM   94  C CB  . VAL A 1 12 ? 2.090   -0.542  5.733   1.00 12.36 ? 100 VAL A CB  1 
ATOM   95  C CG1 . VAL A 1 12 ? 2.622   -0.697  4.323   1.00 15.67 ? 100 VAL A CG1 1 
ATOM   96  C CG2 . VAL A 1 12 ? 1.747   -1.945  6.296   1.00 15.37 ? 100 VAL A CG2 1 
ATOM   97  N N   . GLY A 1 13 ? 3.038   2.550   6.014   1.00 13.36 ? 101 GLY A N   1 
ATOM   98  C CA  . GLY A 1 13 ? 3.625   3.751   5.377   1.00 14.04 ? 101 GLY A CA  1 
ATOM   99  C C   . GLY A 1 13 ? 4.942   4.155   6.031   1.00 13.04 ? 101 GLY A C   1 
ATOM   100 O O   . GLY A 1 13 ? 5.853   4.601   5.302   1.00 13.29 ? 101 GLY A O   1 
ATOM   101 N N   . VAL A 1 14 ? 5.000   4.037   7.354   1.00 12.24 ? 102 VAL A N   1 
ATOM   102 C CA  . VAL A 1 14 ? 6.314   4.434   8.049   1.00 13.41 ? 102 VAL A CA  1 
ATOM   103 C C   . VAL A 1 14 ? 7.366   3.422   7.650   1.00 14.30 ? 102 VAL A C   1 
ATOM   104 O O   . VAL A 1 14 ? 8.537   3.814   7.334   1.00 14.09 ? 102 VAL A O   1 
ATOM   105 C CB  . VAL A 1 14 ? 6.127   4.508   9.483   1.00 12.33 ? 102 VAL A CB  1 
ATOM   106 C CG1 . VAL A 1 14 ? 7.499   4.814   10.167  1.00 12.48 ? 102 VAL A CG1 1 
ATOM   107 C CG2 . VAL A 1 14 ? 5.136   5.497   9.833   1.00 14.54 ? 102 VAL A CG2 1 
ATOM   108 N N   . GLN A 1 15 ? 7.053   2.128   7.518   1.00 12.29 ? 103 GLN A N   1 
ATOM   109 C CA  . GLN A 1 15 ? 8.037   1.177   7.077   1.00 11.68 ? 103 GLN A CA  1 
ATOM   110 C C   . GLN A 1 15 ? 8.563   1.579   5.736   1.00 14.22 ? 103 GLN A C   1 
ATOM   111 O O   . GLN A 1 15 ? 9.779   1.451   5.480   1.00 14.94 ? 103 GLN A O   1 
ATOM   112 C CB  . GLN A 1 15 ? 7.409   -0.220  6.932   1.00 12.73 ? 103 GLN A CB  1 
ATOM   113 C CG  . GLN A 1 15 ? 6.862   -0.819  8.306   1.00 12.30 ? 103 GLN A CG  1 
ATOM   114 C CD  . GLN A 1 15 ? 6.143   -2.098  8.023   1.00 14.87 ? 103 GLN A CD  1 
ATOM   115 O OE1 . GLN A 1 15 ? 4.953   -2.262  8.515   1.00 16.54 ? 103 GLN A OE1 1 
ATOM   116 N NE2 . GLN A 1 15 ? 6.697   -2.903  7.224   1.00 11.52 ? 103 GLN A NE2 1 
ATOM   117 N N   . ILE A 1 16 ? 7.692   1.987   4.800   1.00 13.06 ? 104 ILE A N   1 
ATOM   118 C CA  . ILE A 1 16 ? 8.061   2.313   3.436   1.00 15.64 ? 104 ILE A CA  1 
ATOM   119 C C   . ILE A 1 16 ? 8.991   3.526   3.471   1.00 14.66 ? 104 ILE A C   1 
ATOM   120 O O   . ILE A 1 16 ? 10.009  3.457   2.765   1.00 16.19 ? 104 ILE A O   1 
ATOM   121 C CB  . ILE A 1 16 ? 6.793   2.540   2.569   1.00 14.08 ? 104 ILE A CB  1 
ATOM   122 C CG1 . ILE A 1 16 ? 6.121   1.181   2.350   1.00 15.00 ? 104 ILE A CG1 1 
ATOM   123 C CG2 . ILE A 1 16 ? 7.243   3.175   1.194   1.00 16.51 ? 104 ILE A CG2 1 
ATOM   124 C CD1 . ILE A 1 16 ? 4.740   1.369   1.665   1.00 13.95 ? 104 ILE A CD1 1 
ATOM   125 N N   . VAL A 1 17 ? 8.590   4.569   4.186   1.00 14.61 ? 105 VAL A N   1 
ATOM   126 C CA  . VAL A 1 17 ? 9.437   5.877   4.261   1.00 16.42 ? 105 VAL A CA  1 
ATOM   127 C C   . VAL A 1 17 ? 10.820  5.488   4.703   1.00 17.31 ? 105 VAL A C   1 
ATOM   128 O O   . VAL A 1 17 ? 11.836  5.909   4.077   1.00 17.24 ? 105 VAL A O   1 
ATOM   129 C CB  . VAL A 1 17 ? 8.810   6.884   5.320   1.00 18.84 ? 105 VAL A CB  1 
ATOM   130 C CG1 . VAL A 1 17 ? 9.811   8.031   5.682   1.00 25.47 ? 105 VAL A CG1 1 
ATOM   131 C CG2 . VAL A 1 17 ? 7.477   7.425   4.776   1.00 24.64 ? 105 VAL A CG2 1 
ATOM   132 N N   . ARG A 1 18 ? 10.914  4.660   5.720   1.00 15.44 ? 106 ARG A N   1 
ATOM   133 C CA  . ARG A 1 18 ? 12.227  4.378   6.265   1.00 14.38 ? 106 ARG A CA  1 
ATOM   134 C C   . ARG A 1 18 ? 13.007  3.575   5.253   1.00 17.29 ? 106 ARG A C   1 
ATOM   135 O O   . ARG A 1 18 ? 14.228  3.832   5.060   1.00 19.18 ? 106 ARG A O   1 
ATOM   136 C CB  . ARG A 1 18 ? 12.024  3.654   7.581   1.00 16.40 ? 106 ARG A CB  1 
ATOM   137 C CG  . ARG A 1 18 ? 11.601  4.520   8.668   1.00 17.14 ? 106 ARG A CG  1 
ATOM   138 C CD  . ARG A 1 18 ? 11.494  3.654   9.931   1.00 19.95 ? 106 ARG A CD  1 
ATOM   139 N NE  . ARG A 1 18 ? 11.064  4.518   11.011  1.00 22.01 ? 106 ARG A NE  1 
ATOM   140 C CZ  . ARG A 1 18 ? 10.921  4.065   12.297  1.00 20.82 ? 106 ARG A CZ  1 
ATOM   141 N NH1 . ARG A 1 18 ? 11.182  2.822   12.570  1.00 22.50 ? 106 ARG A NH1 1 
ATOM   142 N NH2 . ARG A 1 18 ? 10.599  4.910   13.243  1.00 26.77 ? 106 ARG A NH2 1 
ATOM   143 N N   . GLN A 1 19 ? 12.484  2.612   4.515   1.00 16.12 ? 107 GLN A N   1 
ATOM   144 C CA  . GLN A 1 19 ? 13.260  1.959   3.472   1.00 16.46 ? 107 GLN A CA  1 
ATOM   145 C C   . GLN A 1 19 ? 13.595  2.796   2.275   1.00 18.09 ? 107 GLN A C   1 
ATOM   146 O O   . GLN A 1 19 ? 14.679  2.656   1.667   1.00 21.23 ? 107 GLN A O   1 
ATOM   147 C CB  . GLN A 1 19 ? 12.504  0.637   3.006   1.00 22.16 ? 107 GLN A CB  1 
ATOM   148 C CG  . GLN A 1 19 ? 12.341  -0.377  4.197   1.00 22.58 ? 107 GLN A CG  1 
ATOM   149 C CD  . GLN A 1 19 ? 13.761  -0.643  4.861   1.00 29.24 ? 107 GLN A CD  1 
ATOM   150 O OE1 . GLN A 1 19 ? 14.702  -0.990  4.140   1.00 32.24 ? 107 GLN A OE1 1 
ATOM   151 N NE2 . GLN A 1 19 ? 13.892  -0.429  6.185   1.00 31.35 ? 107 GLN A NE2 1 
ATOM   152 N N   . MET A 1 20 ? 12.753  3.771   1.937   1.00 18.55 ? 108 MET A N   1 
ATOM   153 C CA  . MET A 1 20 ? 13.044  4.743   0.823   1.00 18.44 ? 108 MET A CA  1 
ATOM   154 C C   . MET A 1 20 ? 14.323  5.539   1.197   1.00 20.14 ? 108 MET A C   1 
ATOM   155 O O   . MET A 1 20 ? 15.180  5.814   0.340   1.00 20.13 ? 108 MET A O   1 
ATOM   156 C CB  . MET A 1 20 ? 11.906  5.674   0.478   1.00 18.46 ? 108 MET A CB  1 
ATOM   157 C CG  . MET A 1 20 ? 10.722  4.955   -0.112  1.00 18.91 ? 108 MET A CG  1 
ATOM   158 S SD  . MET A 1 20 ? 9.485   6.157   -0.550  1.00 24.23 ? 108 MET A SD  1 
ATOM   159 C CE  . MET A 1 20 ? 10.295  7.053   -1.908  1.00 29.50 ? 108 MET A CE  1 
ATOM   160 N N   . ARG A 1 21 ? 14.439  5.863   2.468   1.00 18.81 ? 109 ARG A N   1 
ATOM   161 C CA  . ARG A 1 21 ? 15.585  6.686   2.925   1.00 21.34 ? 109 ARG A CA  1 
ATOM   162 C C   . ARG A 1 21 ? 16.847  5.827   2.906   1.00 21.55 ? 109 ARG A C   1 
ATOM   163 O O   . ARG A 1 21 ? 17.984  6.413   3.015   1.00 23.53 ? 109 ARG A O   1 
ATOM   164 C CB  . ARG A 1 21 ? 15.220  7.222   4.320   1.00 20.96 ? 109 ARG A CB  1 
ATOM   165 C CG  . ARG A 1 21 ? 14.107  8.257   4.100   1.00 25.13 ? 109 ARG A CG  1 
ATOM   166 C CD  . ARG A 1 21 ? 13.613  8.863   5.392   1.00 31.19 ? 109 ARG A CD  1 
ATOM   167 N NE  . ARG A 1 21 ? 12.772  10.010  5.052   1.00 33.02 ? 109 ARG A NE  1 
ATOM   168 C CZ  . ARG A 1 21 ? 11.886  10.545  5.870   1.00 41.62 ? 109 ARG A CZ  1 
ATOM   169 N NH1 . ARG A 1 21 ? 11.793  10.062  7.118   1.00 43.59 ? 109 ARG A NH1 1 
ATOM   170 N NH2 . ARG A 1 21 ? 11.139  11.583  5.434   1.00 43.90 ? 109 ARG A NH2 1 
ATOM   171 N N   . SER A 1 22 ? 16.788  4.516   2.748   1.00 20.84 ? 110 SER A N   1 
ATOM   172 C CA  . SER A 1 22 ? 17.995  3.701   2.652   1.00 22.89 ? 110 SER A CA  1 
ATOM   173 C C   . SER A 1 22 ? 18.486  3.624   1.218   1.00 24.28 ? 110 SER A C   1 
ATOM   174 O O   . SER A 1 22 ? 19.528  2.976   0.983   1.00 25.45 ? 110 SER A O   1 
ATOM   175 C CB  . SER A 1 22 ? 17.681  2.308   3.199   1.00 24.98 ? 110 SER A CB  1 
ATOM   176 O OG  . SER A 1 22 ? 17.015  1.568   2.183   1.00 32.38 ? 110 SER A OG  1 
ATOM   177 N N   . GLY A 1 23 ? 17.778  4.252   0.253   1.00 21.45 ? 111 GLY A N   1 
ATOM   178 C CA  . GLY A 1 23 ? 18.180  4.205   -1.164  1.00 24.28 ? 111 GLY A CA  1 
ATOM   179 C C   . GLY A 1 23 ? 17.653  3.101   -1.993  1.00 24.05 ? 111 GLY A C   1 
ATOM   180 O O   . GLY A 1 23 ? 18.007  2.967   -3.155  1.00 24.97 ? 111 GLY A O   1 
ATOM   181 N N   . GLU A 1 24 ? 16.684  2.346   -1.415  1.00 25.97 ? 112 GLU A N   1 
ATOM   182 C CA  . GLU A 1 24 ? 16.070  1.308   -2.203  1.00 23.37 ? 112 GLU A CA  1 
ATOM   183 C C   . GLU A 1 24 ? 15.004  1.845   -3.216  1.00 21.23 ? 112 GLU A C   1 
ATOM   184 O O   . GLU A 1 24 ? 14.381  2.855   -2.985  1.00 24.19 ? 112 GLU A O   1 
ATOM   185 C CB  . GLU A 1 24 ? 15.479  0.268   -1.214  1.00 25.47 ? 112 GLU A CB  1 
ATOM   186 C CG  . GLU A 1 24 ? 15.126  -0.999  -1.973  1.00 31.04 ? 112 GLU A CG  1 
ATOM   187 C CD  . GLU A 1 24 ? 16.356  -1.600  -2.677  1.00 40.80 ? 112 GLU A CD  1 
ATOM   188 O OE1 . GLU A 1 24 ? 17.046  -2.364  -1.934  1.00 46.93 ? 112 GLU A OE1 1 
ATOM   189 O OE2 . GLU A 1 24 ? 16.608  -1.368  -3.948  1.00 41.13 ? 112 GLU A OE2 1 
ATOM   190 N N   . ARG A 1 25 ? 14.853  1.174   -4.359  1.00 21.77 ? 113 ARG A N   1 
ATOM   191 C CA  . ARG A 1 25 ? 13.900  1.510   -5.387  1.00 21.02 ? 113 ARG A CA  1 
ATOM   192 C C   . ARG A 1 25 ? 12.453  1.288   -4.795  1.00 20.63 ? 113 ARG A C   1 
ATOM   193 O O   . ARG A 1 25 ? 12.241  0.207   -4.199  1.00 20.07 ? 113 ARG A O   1 
ATOM   194 C CB  . ARG A 1 25 ? 14.079  0.538   -6.501  1.00 24.23 ? 113 ARG A CB  1 
ATOM   195 C CG  . ARG A 1 25 ? 13.323  0.855   -7.711  1.00 30.60 ? 113 ARG A CG  1 
ATOM   196 C CD  . ARG A 1 25 ? 13.808  -0.124  -8.729  1.00 40.99 ? 113 ARG A CD  1 
ATOM   197 N NE  . ARG A 1 25 ? 13.196  0.110   -10.021 1.00 51.82 ? 113 ARG A NE  1 
ATOM   198 C CZ  . ARG A 1 25 ? 12.204  -0.636  -10.514 1.00 54.76 ? 113 ARG A CZ  1 
ATOM   199 N NH1 . ARG A 1 25 ? 11.731  -1.662  -9.793  1.00 54.84 ? 113 ARG A NH1 1 
ATOM   200 N NH2 . ARG A 1 25 ? 11.716  -0.373  -11.739 1.00 55.32 ? 113 ARG A NH2 1 
ATOM   201 N N   . PHE A 1 26 ? 11.577  2.300   -5.030  1.00 20.78 ? 114 PHE A N   1 
ATOM   202 C CA  . PHE A 1 26 ? 10.221  2.215   -4.458  1.00 18.26 ? 114 PHE A CA  1 
ATOM   203 C C   . PHE A 1 26 ? 9.495   0.918   -4.814  1.00 18.00 ? 114 PHE A C   1 
ATOM   204 O O   . PHE A 1 26 ? 8.983   0.189   -3.879  1.00 17.01 ? 114 PHE A O   1 
ATOM   205 C CB  . PHE A 1 26 ? 9.352   3.408   -4.821  1.00 20.21 ? 114 PHE A CB  1 
ATOM   206 C CG  . PHE A 1 26 ? 7.967   3.268   -4.258  1.00 17.48 ? 114 PHE A CG  1 
ATOM   207 C CD1 . PHE A 1 26 ? 7.682   3.607   -2.912  1.00 18.09 ? 114 PHE A CD1 1 
ATOM   208 C CD2 . PHE A 1 26 ? 6.939   2.725   -5.028  1.00 18.65 ? 114 PHE A CD2 1 
ATOM   209 C CE1 . PHE A 1 26 ? 6.380   3.306   -2.418  1.00 22.08 ? 114 PHE A CE1 1 
ATOM   210 C CE2 . PHE A 1 26 ? 5.645   2.522   -4.503  1.00 23.17 ? 114 PHE A CE2 1 
ATOM   211 C CZ  . PHE A 1 26 ? 5.408   2.782   -3.200  1.00 23.20 ? 114 PHE A CZ  1 
ATOM   212 N N   . LEU A 1 27 ? 9.580   0.537   -6.094  1.00 18.64 ? 115 LEU A N   1 
ATOM   213 C CA  . LEU A 1 27 ? 8.780   -0.634  -6.466  1.00 20.21 ? 115 LEU A CA  1 
ATOM   214 C C   . LEU A 1 27 ? 9.292   -1.924  -5.848  1.00 18.88 ? 115 LEU A C   1 
ATOM   215 O O   . LEU A 1 27 ? 8.524   -2.902  -5.634  1.00 20.87 ? 115 LEU A O   1 
ATOM   216 C CB  . LEU A 1 27 ? 8.621   -0.735  -7.979  1.00 20.86 ? 115 LEU A CB  1 
ATOM   217 C CG  . LEU A 1 27 ? 7.600   0.239   -8.539  1.00 22.97 ? 115 LEU A CG  1 
ATOM   218 C CD1 . LEU A 1 27 ? 7.650   0.109   -10.049 1.00 27.00 ? 115 LEU A CD1 1 
ATOM   219 C CD2 . LEU A 1 27 ? 6.181   0.103   -7.980  1.00 23.86 ? 115 LEU A CD2 1 
ATOM   220 N N   . LYS A 1 28 ? 10.589  -2.028  -5.552  1.00 17.53 ? 116 LYS A N   1 
ATOM   221 C CA  . LYS A 1 28 ? 11.078  -3.149  -4.795  1.00 17.67 ? 116 LYS A CA  1 
ATOM   222 C C   . LYS A 1 28 ? 10.526  -3.264  -3.310  1.00 18.95 ? 116 LYS A C   1 
ATOM   223 O O   . LYS A 1 28 ? 10.088  -4.340  -2.768  1.00 20.42 ? 116 LYS A O   1 
ATOM   224 C CB  . LYS A 1 28 ? 12.650  -3.169  -4.738  1.00 20.95 ? 116 LYS A CB  1 
ATOM   225 C CG  . LYS A 1 28 ? 13.216  -4.372  -4.170  1.00 27.90 ? 116 LYS A CG  1 
ATOM   226 C CD  . LYS A 1 28 ? 13.698  -4.192  -2.705  1.00 42.79 ? 116 LYS A CD  1 
ATOM   227 C CE  . LYS A 1 28 ? 15.064  -4.903  -2.371  1.00 46.05 ? 116 LYS A CE  1 
ATOM   228 N NZ  . LYS A 1 28 ? 15.099  -6.392  -2.540  1.00 50.54 ? 116 LYS A NZ  1 
ATOM   229 N N   . ILE A 1 29 ? 10.536  -2.091  -2.603  1.00 17.23 ? 117 ILE A N   1 
ATOM   230 C CA  . ILE A 1 29 ? 9.996   -2.029  -1.289  1.00 17.22 ? 117 ILE A CA  1 
ATOM   231 C C   . ILE A 1 29 ? 8.483   -2.395  -1.354  1.00 15.27 ? 117 ILE A C   1 
ATOM   232 O O   . ILE A 1 29 ? 8.038   -3.162  -0.489  1.00 16.53 ? 117 ILE A O   1 
ATOM   233 C CB  . ILE A 1 29 ? 10.142  -0.572  -0.742  1.00 17.36 ? 117 ILE A CB  1 
ATOM   234 C CG1 . ILE A 1 29 ? 11.620  -0.188  -0.529  1.00 18.80 ? 117 ILE A CG1 1 
ATOM   235 C CG2 . ILE A 1 29 ? 9.518   -0.501  0.608   1.00 19.46 ? 117 ILE A CG2 1 
ATOM   236 C CD1 . ILE A 1 29 ? 11.715  1.335   -0.455  1.00 25.33 ? 117 ILE A CD1 1 
ATOM   237 N N   . TRP A 1 30 ? 7.851   -1.793  -2.365  1.00 15.05 ? 118 TRP A N   1 
ATOM   238 C CA  . TRP A 1 30 ? 6.379   -2.028  -2.510  1.00 13.54 ? 118 TRP A CA  1 
ATOM   239 C C   . TRP A 1 30 ? 6.107   -3.526  -2.685  1.00 15.95 ? 118 TRP A C   1 
ATOM   240 O O   . TRP A 1 30 ? 5.229   -4.051  -2.023  1.00 16.10 ? 118 TRP A O   1 
ATOM   241 C CB  . TRP A 1 30 ? 5.874   -1.285  -3.695  1.00 14.10 ? 118 TRP A CB  1 
ATOM   242 C CG  . TRP A 1 30 ? 4.373   -1.436  -3.790  1.00 13.75 ? 118 TRP A CG  1 
ATOM   243 C CD1 . TRP A 1 30 ? 3.712   -2.056  -4.800  1.00 14.87 ? 118 TRP A CD1 1 
ATOM   244 C CD2 . TRP A 1 30 ? 3.426   -0.878  -2.893  1.00 15.21 ? 118 TRP A CD2 1 
ATOM   245 N NE1 . TRP A 1 30 ? 2.363   -1.979  -4.549  1.00 13.72 ? 118 TRP A NE1 1 
ATOM   246 C CE2 . TRP A 1 30 ? 2.155   -1.278  -3.380  1.00 14.76 ? 118 TRP A CE2 1 
ATOM   247 C CE3 . TRP A 1 30 ? 3.509   -0.212  -1.676  1.00 16.79 ? 118 TRP A CE3 1 
ATOM   248 C CZ2 . TRP A 1 30 ? 0.978   -0.976  -2.724  1.00 15.68 ? 118 TRP A CZ2 1 
ATOM   249 C CZ3 . TRP A 1 30 ? 2.290   0.090   -0.995  1.00 17.17 ? 118 TRP A CZ3 1 
ATOM   250 C CH2 . TRP A 1 30 ? 1.036   -0.311  -1.548  1.00 15.12 ? 118 TRP A CH2 1 
ATOM   251 N N   . SER A 1 31 ? 6.846   -4.206  -3.527  1.00 17.83 ? 119 SER A N   1 
ATOM   252 C CA  . SER A 1 31 ? 6.529   -5.652  -3.705  1.00 19.18 ? 119 SER A CA  1 
ATOM   253 C C   . SER A 1 31 ? 6.675   -6.414  -2.434  1.00 21.16 ? 119 SER A C   1 
ATOM   254 O O   . SER A 1 31 ? 5.872   -7.299  -2.150  1.00 24.70 ? 119 SER A O   1 
ATOM   255 C CB  . SER A 1 31 ? 7.385   -6.237  -4.837  1.00 22.47 ? 119 SER A CB  1 
ATOM   256 O OG  . SER A 1 31 ? 8.732   -6.220  -4.423  1.00 34.59 ? 119 SER A OG  1 
ATOM   257 N N   . GLN A 1 32 ? 7.620   -6.072  -1.560  1.00 18.46 ? 120 GLN A N   1 
ATOM   258 C CA  . GLN A 1 32 ? 7.695   -6.721  -0.236  1.00 20.38 ? 120 GLN A CA  1 
ATOM   259 C C   . GLN A 1 32 ? 6.630   -6.324  0.723   1.00 20.28 ? 120 GLN A C   1 
ATOM   260 O O   . GLN A 1 32 ? 6.070   -7.163  1.498   1.00 20.68 ? 120 GLN A O   1 
ATOM   261 C CB  . GLN A 1 32 ? 9.046   -6.349  0.404   1.00 22.00 ? 120 GLN A CB  1 
ATOM   262 C CG  . GLN A 1 32 ? 10.215  -6.810  -0.432  1.00 24.82 ? 120 GLN A CG  1 
ATOM   263 C CD  . GLN A 1 32 ? 11.543  -6.351  0.184   1.00 29.92 ? 120 GLN A CD  1 
ATOM   264 O OE1 . GLN A 1 32 ? 11.682  -5.258  0.811   1.00 35.64 ? 120 GLN A OE1 1 
ATOM   265 N NE2 . GLN A 1 32 ? 12.501  -7.212  0.060   1.00 38.25 ? 120 GLN A NE2 1 
ATOM   266 N N   . THR A 1 33 ? 6.299   -5.061  0.792   1.00 18.67 ? 121 THR A N   1 
ATOM   267 C CA  . THR A 1 33 ? 5.209   -4.647  1.741   1.00 19.66 ? 121 THR A CA  1 
ATOM   268 C C   . THR A 1 33 ? 3.814   -5.091  1.269   1.00 19.26 ? 121 THR A C   1 
ATOM   269 O O   . THR A 1 33 ? 2.879   -5.331  2.151   1.00 20.15 ? 121 THR A O   1 
ATOM   270 C CB  . THR A 1 33 ? 5.164   -3.083  1.959   1.00 21.24 ? 121 THR A CB  1 
ATOM   271 O OG1 . THR A 1 33 ? 5.070   -2.372  0.683   1.00 21.21 ? 121 THR A OG1 1 
ATOM   272 C CG2 . THR A 1 33 ? 6.377   -2.653  2.793   1.00 23.42 ? 121 THR A CG2 1 
ATOM   273 N N   . VAL A 1 34 ? 3.596   -5.280  -0.027  1.00 16.06 ? 122 VAL A N   1 
ATOM   274 C CA  A VAL A 1 34 ? 2.358   -5.877  -0.526  0.50 17.81 ? 122 VAL A CA  1 
ATOM   275 C CA  B VAL A 1 34 ? 2.316   -5.785  -0.408  0.50 18.75 ? 122 VAL A CA  1 
ATOM   276 C C   . VAL A 1 34 ? 2.086   -7.152  0.235   1.00 18.07 ? 122 VAL A C   1 
ATOM   277 O O   . VAL A 1 34 ? 0.900   -7.483  0.542   1.00 17.27 ? 122 VAL A O   1 
ATOM   278 C CB  A VAL A 1 34 ? 2.372   -6.196  -2.032  0.50 16.77 ? 122 VAL A CB  1 
ATOM   279 C CB  B VAL A 1 34 ? 2.044   -5.797  -1.912  0.50 16.96 ? 122 VAL A CB  1 
ATOM   280 C CG1 A VAL A 1 34 ? 1.161   -7.076  -2.422  0.50 15.16 ? 122 VAL A CG1 1 
ATOM   281 C CG1 B VAL A 1 34 ? 1.989   -4.435  -2.480  0.50 19.16 ? 122 VAL A CG1 1 
ATOM   282 C CG2 A VAL A 1 34 ? 2.245   -4.989  -2.858  0.50 16.39 ? 122 VAL A CG2 1 
ATOM   283 C CG2 B VAL A 1 34 ? 2.970   -6.731  -2.580  0.50 20.78 ? 122 VAL A CG2 1 
ATOM   284 N N   . GLU A 1 35 ? 3.095   -7.960  0.524   1.00 17.19 ? 123 GLU A N   1 
ATOM   285 C CA  . GLU A 1 35 ? 2.899   -9.224  1.210   1.00 17.71 ? 123 GLU A CA  1 
ATOM   286 C C   . GLU A 1 35 ? 2.317   -9.010  2.568   1.00 17.57 ? 123 GLU A C   1 
ATOM   287 O O   . GLU A 1 35 ? 1.505   -9.807  3.043   1.00 17.25 ? 123 GLU A O   1 
ATOM   288 C CB  . GLU A 1 35 ? 4.188   -9.984  1.435   1.00 20.13 ? 123 GLU A CB  1 
ATOM   289 C CG  . GLU A 1 35 ? 4.917   -10.388 0.128   1.00 31.20 ? 123 GLU A CG  1 
ATOM   290 C CD  . GLU A 1 35 ? 4.244   -11.598 -0.556  1.00 48.58 ? 123 GLU A CD  1 
ATOM   291 O OE1 . GLU A 1 35 ? 2.958   -11.779 -0.379  1.00 51.83 ? 123 GLU A OE1 1 
ATOM   292 O OE2 . GLU A 1 35 ? 5.022   -12.354 -1.276  1.00 53.48 ? 123 GLU A OE2 1 
ATOM   293 N N   . GLU A 1 36 ? 2.652   -7.931  3.288   1.00 14.80 ? 124 GLU A N   1 
ATOM   294 C CA  . GLU A 1 36 ? 2.032   -7.686  4.562   1.00 15.82 ? 124 GLU A CA  1 
ATOM   295 C C   . GLU A 1 36 ? 0.569   -7.402  4.423   1.00 16.25 ? 124 GLU A C   1 
ATOM   296 O O   . GLU A 1 36 ? -0.251  -7.783  5.299   1.00 16.15 ? 124 GLU A O   1 
ATOM   297 C CB  . GLU A 1 36 ? 2.659   -6.454  5.255   1.00 15.76 ? 124 GLU A CB  1 
ATOM   298 C CG  . GLU A 1 36 ? 4.057   -6.609  5.663   1.00 15.85 ? 124 GLU A CG  1 
ATOM   299 C CD  . GLU A 1 36 ? 4.592   -5.399  6.336   1.00 16.80 ? 124 GLU A CD  1 
ATOM   300 O OE1 . GLU A 1 36 ? 3.869   -4.660  7.013   1.00 15.71 ? 124 GLU A OE1 1 
ATOM   301 O OE2 . GLU A 1 36 ? 5.844   -5.193  6.319   1.00 15.82 ? 124 GLU A OE2 1 
ATOM   302 N N   . ILE A 1 37 ? 0.225   -6.649  3.375   1.00 13.55 ? 125 ILE A N   1 
ATOM   303 C CA  . ILE A 1 37 ? -1.179  -6.213  3.194   1.00 13.64 ? 125 ILE A CA  1 
ATOM   304 C C   . ILE A 1 37 ? -2.007  -7.421  2.815   1.00 13.61 ? 125 ILE A C   1 
ATOM   305 O O   . ILE A 1 37 ? -3.138  -7.611  3.359   1.00 14.05 ? 125 ILE A O   1 
ATOM   306 C CB  . ILE A 1 37 ? -1.260  -5.087  2.111   1.00 12.54 ? 125 ILE A CB  1 
ATOM   307 C CG1 . ILE A 1 37 ? -0.450  -3.865  2.622   1.00 12.65 ? 125 ILE A CG1 1 
ATOM   308 C CG2 . ILE A 1 37 ? -2.703  -4.736  1.958   1.00 15.04 ? 125 ILE A CG2 1 
ATOM   309 C CD1 . ILE A 1 37 ? -0.351  -2.794  1.540   1.00 13.80 ? 125 ILE A CD1 1 
ATOM   310 N N   . VAL A 1 38 ? -1.496  -8.244  1.865   1.00 13.56 ? 126 VAL A N   1 
ATOM   311 C CA  . VAL A 1 38 ? -2.271  -9.440  1.488   1.00 14.24 ? 126 VAL A CA  1 
ATOM   312 C C   . VAL A 1 38 ? -2.386  -10.355 2.670   1.00 15.21 ? 126 VAL A C   1 
ATOM   313 O O   . VAL A 1 38 ? -3.515  -10.915 2.867   1.00 15.97 ? 126 VAL A O   1 
ATOM   314 C CB  . VAL A 1 38 ? -1.545  -10.132 0.360   1.00 15.12 ? 126 VAL A CB  1 
ATOM   315 C CG1 . VAL A 1 38 ? -2.197  -11.531 0.148   1.00 20.20 ? 126 VAL A CG1 1 
ATOM   316 C CG2 . VAL A 1 38 ? -1.614  -9.369  -0.909  1.00 15.41 ? 126 VAL A CG2 1 
ATOM   317 N N   . SER A 1 39 ? -1.410  -10.491 3.502   1.00 14.48 ? 127 SER A N   1 
ATOM   318 C CA  . SER A 1 39 ? -1.512  -11.360 4.662   1.00 15.10 ? 127 SER A CA  1 
ATOM   319 C C   . SER A 1 39 ? -2.545  -10.839 5.639   1.00 16.19 ? 127 SER A C   1 
ATOM   320 O O   . SER A 1 39 ? -3.293  -11.612 6.244   1.00 18.28 ? 127 SER A O   1 
ATOM   321 C CB  . SER A 1 39 ? -0.193  -11.542 5.398   1.00 18.70 ? 127 SER A CB  1 
ATOM   322 O OG  . SER A 1 39 ? 0.671   -12.310 4.577   1.00 25.00 ? 127 SER A OG  1 
ATOM   323 N N   . TYR A 1 40 ? -2.567  -9.546  5.864   1.00 14.87 ? 128 TYR A N   1 
ATOM   324 C CA  . TYR A 1 40 ? -3.533  -8.984  6.796   1.00 14.99 ? 128 TYR A CA  1 
ATOM   325 C C   . TYR A 1 40 ? -4.925  -9.311  6.272   1.00 15.09 ? 128 TYR A C   1 
ATOM   326 O O   . TYR A 1 40 ? -5.837  -9.698  7.066   1.00 15.42 ? 128 TYR A O   1 
ATOM   327 C CB  . TYR A 1 40 ? -3.355  -7.431  6.856   1.00 13.92 ? 128 TYR A CB  1 
ATOM   328 C CG  . TYR A 1 40 ? -4.338  -6.752  7.801   1.00 13.38 ? 128 TYR A CG  1 
ATOM   329 C CD1 . TYR A 1 40 ? -3.921  -6.396  9.061   1.00 14.61 ? 128 TYR A CD1 1 
ATOM   330 C CD2 . TYR A 1 40 ? -5.686  -6.571  7.488   1.00 14.30 ? 128 TYR A CD2 1 
ATOM   331 C CE1 . TYR A 1 40 ? -4.771  -5.783  10.004  1.00 14.37 ? 128 TYR A CE1 1 
ATOM   332 C CE2 . TYR A 1 40 ? -6.591  -5.972  8.404   1.00 15.31 ? 128 TYR A CE2 1 
ATOM   333 C CZ  . TYR A 1 40 ? -6.103  -5.588  9.673   1.00 14.78 ? 128 TYR A CZ  1 
ATOM   334 O OH  . TYR A 1 40 ? -6.983  -5.004  10.639  1.00 16.12 ? 128 TYR A OH  1 
ATOM   335 N N   . VAL A 1 41 ? -5.225  -9.066  4.999   1.00 14.75 ? 129 VAL A N   1 
ATOM   336 C CA  . VAL A 1 41 ? -6.563  -9.274  4.458   1.00 17.26 ? 129 VAL A CA  1 
ATOM   337 C C   . VAL A 1 41 ? -6.940  -10.780 4.576   1.00 17.15 ? 129 VAL A C   1 
ATOM   338 O O   . VAL A 1 41 ? -8.100  -11.100 4.871   1.00 19.78 ? 129 VAL A O   1 
ATOM   339 C CB  . VAL A 1 41 ? -6.676  -8.649  3.045   1.00 17.21 ? 129 VAL A CB  1 
ATOM   340 C CG1 . VAL A 1 41 ? -8.010  -8.979  2.502   1.00 19.89 ? 129 VAL A CG1 1 
ATOM   341 C CG2 . VAL A 1 41 ? -6.535  -7.122  3.163   1.00 19.16 ? 129 VAL A CG2 1 
ATOM   342 N N   . THR A 1 42 ? -5.994  -11.704 4.340   1.00 17.30 ? 130 THR A N   1 
ATOM   343 C CA  . THR A 1 42 ? -6.159  -13.153 4.599   1.00 20.79 ? 130 THR A CA  1 
ATOM   344 C C   . THR A 1 42 ? -6.649  -13.433 5.994   1.00 20.38 ? 130 THR A C   1 
ATOM   345 O O   . THR A 1 42 ? -7.572  -14.257 6.198   1.00 24.08 ? 130 THR A O   1 
ATOM   346 C CB  . THR A 1 42 ? -4.876  -13.922 4.284   1.00 21.43 ? 130 THR A CB  1 
ATOM   347 O OG1 . THR A 1 42 ? -4.614  -13.733 2.901   1.00 24.39 ? 130 THR A OG1 1 
ATOM   348 C CG2 . THR A 1 42 ? -5.060  -15.399 4.513   1.00 24.88 ? 130 THR A CG2 1 
ATOM   349 N N   . VAL A 1 43 ? -6.053  -12.838 6.985   1.00 18.77 ? 131 VAL A N   1 
ATOM   350 C CA  . VAL A 1 43 ? -6.372  -13.110 8.376   1.00 18.14 ? 131 VAL A CA  1 
ATOM   351 C C   . VAL A 1 43 ? -7.681  -12.533 8.767   1.00 19.95 ? 131 VAL A C   1 
ATOM   352 O O   . VAL A 1 43 ? -8.442  -13.231 9.512   1.00 22.56 ? 131 VAL A O   1 
ATOM   353 C CB  . VAL A 1 43 ? -5.278  -12.437 9.298   1.00 18.58 ? 131 VAL A CB  1 
ATOM   354 C CG1 . VAL A 1 43 ? -5.667  -12.493 10.825  1.00 19.98 ? 131 VAL A CG1 1 
ATOM   355 C CG2 . VAL A 1 43 ? -3.888  -13.159 9.147   1.00 21.09 ? 131 VAL A CG2 1 
ATOM   356 N N   . ASN A 1 44 ? -7.976  -11.306 8.331   1.00 18.03 ? 132 ASN A N   1 
ATOM   357 C CA  . ASN A 1 44 ? -9.051  -10.482 8.865   1.00 19.27 ? 132 ASN A CA  1 
ATOM   358 C C   . ASN A 1 44 ? -10.336 -10.421 8.042   1.00 22.00 ? 132 ASN A C   1 
ATOM   359 O O   . ASN A 1 44 ? -11.310 -9.963  8.570   1.00 23.45 ? 132 ASN A O   1 
ATOM   360 C CB  . ASN A 1 44 ? -8.553  -9.056  9.182   1.00 16.37 ? 132 ASN A CB  1 
ATOM   361 C CG  . ASN A 1 44 ? -7.507  -9.105  10.233  1.00 19.39 ? 132 ASN A CG  1 
ATOM   362 O OD1 . ASN A 1 44 ? -7.846  -9.017  11.442  1.00 20.66 ? 132 ASN A OD1 1 
ATOM   363 N ND2 . ASN A 1 44 ? -6.202  -9.158  9.850   1.00 15.66 ? 132 ASN A ND2 1 
ATOM   364 N N   . PHE A 1 45 ? -10.274 -10.756 6.749   1.00 21.89 ? 133 PHE A N   1 
ATOM   365 C CA  . PHE A 1 45 ? -11.425 -10.680 5.828   1.00 25.79 ? 133 PHE A CA  1 
ATOM   366 C C   . PHE A 1 45 ? -11.479 -11.969 5.083   1.00 29.15 ? 133 PHE A C   1 
ATOM   367 O O   . PHE A 1 45 ? -11.308 -13.008 5.686   1.00 34.24 ? 133 PHE A O   1 
ATOM   368 C CB  . PHE A 1 45 ? -11.242 -9.589  4.814   1.00 23.13 ? 133 PHE A CB  1 
ATOM   369 C CG  . PHE A 1 45 ? -11.207 -8.265  5.377   1.00 24.61 ? 133 PHE A CG  1 
ATOM   370 C CD1 . PHE A 1 45 ? -12.371 -7.494  5.444   1.00 25.77 ? 133 PHE A CD1 1 
ATOM   371 C CD2 . PHE A 1 45 ? -10.022 -7.680  5.777   1.00 24.40 ? 133 PHE A CD2 1 
ATOM   372 C CE1 . PHE A 1 45 ? -12.328 -6.202  5.949   1.00 26.99 ? 133 PHE A CE1 1 
ATOM   373 C CE2 . PHE A 1 45 ? -10.003 -6.390  6.314   1.00 27.97 ? 133 PHE A CE2 1 
ATOM   374 C CZ  . PHE A 1 45 ? -11.109 -5.676  6.390   1.00 26.06 ? 133 PHE A CZ  1 
ATOM   375 N N   . MET B 1 1  ? -7.109  -17.313 -3.394  1.00 46.98 ? 89  MET B N   1 
ATOM   376 C CA  . MET B 1 1  ? -6.356  -16.533 -4.487  1.00 46.41 ? 89  MET B CA  1 
ATOM   377 C C   . MET B 1 1  ? -5.231  -15.746 -3.745  1.00 45.68 ? 89  MET B C   1 
ATOM   378 O O   . MET B 1 1  ? -4.204  -16.371 -3.295  1.00 48.10 ? 89  MET B O   1 
ATOM   379 C CB  . MET B 1 1  ? -7.338  -15.623 -5.336  1.00 46.76 ? 89  MET B CB  1 
ATOM   380 C CG  . MET B 1 1  ? -7.306  -15.630 -6.911  1.00 42.94 ? 89  MET B CG  1 
ATOM   381 S SD  . MET B 1 1  ? -8.724  -14.943 -7.775  1.00 44.71 ? 89  MET B SD  1 
ATOM   382 C CE  . MET B 1 1  ? -8.543  -15.125 -9.519  1.00 41.29 ? 89  MET B CE  1 
ATOM   383 N N   . ASN B 1 2  ? -5.421  -14.422 -3.553  1.00 42.21 ? 90  ASN B N   1 
ATOM   384 C CA  . ASN B 1 2  ? -6.517  -13.700 -4.175  1.00 38.04 ? 90  ASN B CA  1 
ATOM   385 C C   . ASN B 1 2  ? -5.928  -12.701 -5.173  1.00 35.03 ? 90  ASN B C   1 
ATOM   386 O O   . ASN B 1 2  ? -5.364  -11.635 -4.821  1.00 32.01 ? 90  ASN B O   1 
ATOM   387 C CB  . ASN B 1 2  ? -7.552  -13.159 -3.215  1.00 40.09 ? 90  ASN B CB  1 
ATOM   388 C CG  . ASN B 1 2  ? -8.136  -11.840 -3.631  1.00 41.34 ? 90  ASN B CG  1 
ATOM   389 O OD1 . ASN B 1 2  ? -8.642  -11.595 -4.746  1.00 39.05 ? 90  ASN B OD1 1 
ATOM   390 N ND2 . ASN B 1 2  ? -8.114  -10.952 -2.668  1.00 50.73 ? 90  ASN B ND2 1 
ATOM   391 N N   . LEU B 1 3  ? -6.092  -13.100 -6.427  1.00 31.40 ? 91  LEU B N   1 
ATOM   392 C CA  . LEU B 1 3  ? -5.356  -12.505 -7.515  1.00 27.38 ? 91  LEU B CA  1 
ATOM   393 C C   . LEU B 1 3  ? -5.908  -11.129 -7.921  1.00 24.89 ? 91  LEU B C   1 
ATOM   394 O O   . LEU B 1 3  ? -5.068  -10.260 -8.304  1.00 21.70 ? 91  LEU B O   1 
ATOM   395 C CB  . LEU B 1 3  ? -5.225  -13.491 -8.683  1.00 27.21 ? 91  LEU B CB  1 
ATOM   396 C CG  . LEU B 1 3  ? -4.285  -14.669 -8.389  1.00 25.18 ? 91  LEU B CG  1 
ATOM   397 C CD1 . LEU B 1 3  ? -4.275  -15.602 -9.541  1.00 28.71 ? 91  LEU B CD1 1 
ATOM   398 C CD2 . LEU B 1 3  ? -2.889  -14.311 -7.933  1.00 27.84 ? 91  LEU B CD2 1 
ATOM   399 N N   . LEU B 1 4  ? -7.221  -10.826 -7.772  1.00 25.18 ? 92  LEU B N   1 
ATOM   400 C CA  . LEU B 1 4  ? -7.719  -9.505  -8.192  1.00 25.35 ? 92  LEU B CA  1 
ATOM   401 C C   . LEU B 1 4  ? -7.099  -8.532  -7.168  1.00 21.96 ? 92  LEU B C   1 
ATOM   402 O O   . LEU B 1 4  ? -6.740  -7.468  -7.579  1.00 20.95 ? 92  LEU B O   1 
ATOM   403 C CB  . LEU B 1 4  ? -9.285  -9.326  -8.126  1.00 28.45 ? 92  LEU B CB  1 
ATOM   404 C CG  . LEU B 1 4  ? -9.835  -9.698  -6.706  1.00 37.42 ? 92  LEU B CG  1 
ATOM   405 C CD1 . LEU B 1 4  ? -10.914 -8.662  -5.984  1.00 42.06 ? 92  LEU B CD1 1 
ATOM   406 C CD2 . LEU B 1 4  ? -10.381 -11.190 -6.579  1.00 46.24 ? 92  LEU B CD2 1 
ATOM   407 N N   . PHE B 1 5  ? -7.024  -8.947  -5.915  1.00 20.03 ? 93  PHE B N   1 
ATOM   408 C CA  . PHE B 1 5  ? -6.414  -8.038  -4.838  1.00 18.89 ? 93  PHE B CA  1 
ATOM   409 C C   . PHE B 1 5  ? -4.897  -7.806  -5.090  1.00 17.22 ? 93  PHE B C   1 
ATOM   410 O O   . PHE B 1 5  ? -4.405  -6.641  -5.036  1.00 15.76 ? 93  PHE B O   1 
ATOM   411 C CB  . PHE B 1 5  ? -6.669  -8.556  -3.444  1.00 18.32 ? 93  PHE B CB  1 
ATOM   412 C CG  . PHE B 1 5  ? -6.288  -7.595  -2.375  1.00 16.93 ? 93  PHE B CG  1 
ATOM   413 C CD1 . PHE B 1 5  ? -6.715  -6.241  -2.452  1.00 15.66 ? 93  PHE B CD1 1 
ATOM   414 C CD2 . PHE B 1 5  ? -5.585  -7.983  -1.226  1.00 17.17 ? 93  PHE B CD2 1 
ATOM   415 C CE1 . PHE B 1 5  ? -6.388  -5.316  -1.413  1.00 17.65 ? 93  PHE B CE1 1 
ATOM   416 C CE2 . PHE B 1 5  ? -5.304  -7.121  -0.182  1.00 18.55 ? 93  PHE B CE2 1 
ATOM   417 C CZ  . PHE B 1 5  ? -5.685  -5.817  -0.232  1.00 16.34 ? 93  PHE B CZ  1 
ATOM   418 N N   . GLN B 1 6  ? -4.204  -8.864  -5.439  1.00 20.00 ? 94  GLN B N   1 
ATOM   419 C CA  . GLN B 1 6  ? -2.766  -8.722  -5.864  1.00 17.56 ? 94  GLN B CA  1 
ATOM   420 C C   . GLN B 1 6  ? -2.675  -7.782  -7.034  1.00 16.67 ? 94  GLN B C   1 
ATOM   421 O O   . GLN B 1 6  ? -1.822  -6.841  -6.986  1.00 15.88 ? 94  GLN B O   1 
ATOM   422 C CB  . GLN B 1 6  ? -2.217  -10.093 -6.279  1.00 19.34 ? 94  GLN B CB  1 
ATOM   423 C CG  . GLN B 1 6  ? -0.786  -10.024 -6.722  1.00 19.88 ? 94  GLN B CG  1 
ATOM   424 C CD  . GLN B 1 6  ? 0.172   -9.732  -5.674  1.00 26.26 ? 94  GLN B CD  1 
ATOM   425 O OE1 . GLN B 1 6  ? 0.143   -10.352 -4.628  1.00 26.16 ? 94  GLN B OE1 1 
ATOM   426 N NE2 . GLN B 1 6  ? 1.115   -8.772  -5.945  1.00 28.06 ? 94  GLN B NE2 1 
ATOM   427 N N   . SER B 1 7  ? -3.501  -7.929  -8.045  1.00 16.04 ? 95  SER B N   1 
ATOM   428 C CA  A SER B 1 7  ? -3.467  -7.000  -9.180  0.30 15.04 ? 95  SER B CA  1 
ATOM   429 C CA  B SER B 1 7  ? -3.383  -7.001  -9.129  0.30 15.86 ? 95  SER B CA  1 
ATOM   430 C CA  C SER B 1 7  ? -3.512  -7.011  -9.161  0.40 15.43 ? 95  SER B CA  1 
ATOM   431 C C   . SER B 1 7  ? -3.754  -5.567  -8.762  1.00 16.51 ? 95  SER B C   1 
ATOM   432 O O   . SER B 1 7  ? -3.105  -4.622  -9.224  1.00 16.26 ? 95  SER B O   1 
ATOM   433 C CB  A SER B 1 7  ? -4.478  -7.427  -10.287 0.30 16.61 ? 95  SER B CB  1 
ATOM   434 C CB  B SER B 1 7  ? -4.161  -7.477  -10.347 0.30 18.15 ? 95  SER B CB  1 
ATOM   435 C CB  C SER B 1 7  ? -4.665  -7.376  -10.137 0.40 16.50 ? 95  SER B CB  1 
ATOM   436 O OG  A SER B 1 7  ? -4.099  -8.683  -10.806 0.30 15.55 ? 95  SER B OG  1 
ATOM   437 O OG  B SER B 1 7  ? -3.373  -7.138  -11.421 0.30 21.28 ? 95  SER B OG  1 
ATOM   438 O OG  C SER B 1 7  ? -4.491  -6.510  -11.214 0.40 21.41 ? 95  SER B OG  1 
ATOM   439 N N   . TYR B 1 8  ? -4.749  -5.417  -7.888  1.00 13.88 ? 96  TYR B N   1 
ATOM   440 C CA  . TYR B 1 8  ? -5.078  -4.096  -7.466  1.00 15.24 ? 96  TYR B CA  1 
ATOM   441 C C   . TYR B 1 8  ? -3.834  -3.475  -6.742  1.00 13.16 ? 96  TYR B C   1 
ATOM   442 O O   . TYR B 1 8  ? -3.513  -2.322  -7.011  1.00 13.23 ? 96  TYR B O   1 
ATOM   443 C CB  . TYR B 1 8  ? -6.269  -4.183  -6.478  1.00 14.07 ? 96  TYR B CB  1 
ATOM   444 C CG  . TYR B 1 8  ? -6.512  -2.893  -5.726  1.00 12.97 ? 96  TYR B CG  1 
ATOM   445 C CD1 . TYR B 1 8  ? -6.963  -1.771  -6.386  1.00 15.83 ? 96  TYR B CD1 1 
ATOM   446 C CD2 . TYR B 1 8  ? -6.230  -2.819  -4.384  1.00 14.75 ? 96  TYR B CD2 1 
ATOM   447 C CE1 . TYR B 1 8  ? -7.155  -0.544  -5.679  1.00 18.41 ? 96  TYR B CE1 1 
ATOM   448 C CE2 . TYR B 1 8  ? -6.433  -1.611  -3.664  1.00 15.41 ? 96  TYR B CE2 1 
ATOM   449 C CZ  . TYR B 1 8  ? -6.822  -0.538  -4.332  1.00 16.11 ? 96  TYR B CZ  1 
ATOM   450 O OH  . TYR B 1 8  ? -6.984  0.645   -3.539  1.00 20.79 ? 96  TYR B OH  1 
ATOM   451 N N   . LEU B 1 9  ? -3.260  -4.205  -5.813  1.00 13.36 ? 97  LEU B N   1 
ATOM   452 C CA  . LEU B 1 9  ? -2.086  -3.630  -5.111  1.00 13.00 ? 97  LEU B CA  1 
ATOM   453 C C   . LEU B 1 9  ? -0.853  -3.408  -6.004  1.00 13.46 ? 97  LEU B C   1 
ATOM   454 O O   . LEU B 1 9  ? -0.188  -2.366  -5.816  1.00 14.07 ? 97  LEU B O   1 
ATOM   455 C CB  . LEU B 1 9  ? -1.689  -4.483  -3.937  1.00 13.52 ? 97  LEU B CB  1 
ATOM   456 C CG  . LEU B 1 9  ? -2.757  -4.599  -2.765  1.00 15.59 ? 97  LEU B CG  1 
ATOM   457 C CD1 . LEU B 1 9  ? -2.274  -5.649  -1.819  1.00 17.95 ? 97  LEU B CD1 1 
ATOM   458 C CD2 . LEU B 1 9  ? -2.939  -3.228  -2.124  1.00 16.19 ? 97  LEU B CD2 1 
ATOM   459 N N   . ASP B 1 10 ? -0.714  -4.291  -7.005  1.00 13.94 ? 98  ASP B N   1 
ATOM   460 C CA  . ASP B 1 10 ? 0.381   -3.949  -7.979  1.00 15.64 ? 98  ASP B CA  1 
ATOM   461 C C   . ASP B 1 10 ? 0.125   -2.594  -8.657  1.00 15.22 ? 98  ASP B C   1 
ATOM   462 O O   . ASP B 1 10 ? 1.061   -1.739  -8.831  1.00 15.98 ? 98  ASP B O   1 
ATOM   463 C CB  . ASP B 1 10 ? 0.424   -5.043  -9.048  1.00 16.91 ? 98  ASP B CB  1 
ATOM   464 C CG  . ASP B 1 10 ? 0.960   -6.339  -8.560  1.00 21.86 ? 98  ASP B CG  1 
ATOM   465 O OD1 . ASP B 1 10 ? 1.630   -6.442  -7.461  1.00 22.57 ? 98  ASP B OD1 1 
ATOM   466 O OD2 . ASP B 1 10 ? 0.631   -7.328  -9.339  1.00 27.24 ? 98  ASP B OD2 1 
ATOM   467 N N   . ASN B 1 11 ? -1.106  -2.322  -9.054  1.00 15.37 ? 99  ASN B N   1 
ATOM   468 C CA  . ASN B 1 11 ? -1.450  -1.073  -9.700  1.00 15.85 ? 99  ASN B CA  1 
ATOM   469 C C   . ASN B 1 11 ? -1.350  0.102   -8.712  1.00 15.15 ? 99  ASN B C   1 
ATOM   470 O O   . ASN B 1 11 ? -0.917  1.162   -9.133  1.00 15.75 ? 99  ASN B O   1 
ATOM   471 C CB  . ASN B 1 11 ? -2.829  -1.105  -10.335 1.00 19.54 ? 99  ASN B CB  1 
ATOM   472 C CG  . ASN B 1 11 ? -3.081  0.169   -11.191 1.00 29.83 ? 99  ASN B CG  1 
ATOM   473 O OD1 . ASN B 1 11 ? -2.365  0.408   -12.191 1.00 38.16 ? 99  ASN B OD1 1 
ATOM   474 N ND2 . ASN B 1 11 ? -4.030  1.032   -10.729 1.00 34.57 ? 99  ASN B ND2 1 
ATOM   475 N N   . VAL B 1 12 ? -1.715  -0.106  -7.455  1.00 13.58 ? 100 VAL B N   1 
ATOM   476 C CA  . VAL B 1 12 ? -1.526  0.967   -6.481  1.00 12.71 ? 100 VAL B CA  1 
ATOM   477 C C   . VAL B 1 12 ? -0.052  1.397   -6.450  1.00 13.64 ? 100 VAL B C   1 
ATOM   478 O O   . VAL B 1 12 ? 0.199   2.610   -6.426  1.00 14.66 ? 100 VAL B O   1 
ATOM   479 C CB  . VAL B 1 12 ? -1.998  0.521   -5.128  1.00 13.33 ? 100 VAL B CB  1 
ATOM   480 C CG1 . VAL B 1 12 ? -1.571  1.560   -4.101  1.00 14.41 ? 100 VAL B CG1 1 
ATOM   481 C CG2 . VAL B 1 12 ? -3.562  0.408   -5.114  1.00 15.49 ? 100 VAL B CG2 1 
ATOM   482 N N   . GLY B 1 13 ? 0.862   0.448   -6.412  1.00 13.37 ? 101 GLY B N   1 
ATOM   483 C CA  . GLY B 1 13 ? 2.292   0.845   -6.348  1.00 13.00 ? 101 GLY B CA  1 
ATOM   484 C C   . GLY B 1 13 ? 2.700   1.617   -7.588  1.00 14.62 ? 101 GLY B C   1 
ATOM   485 O O   . GLY B 1 13 ? 3.459   2.623   -7.453  1.00 15.20 ? 101 GLY B O   1 
ATOM   486 N N   . VAL B 1 14 ? 2.296   1.190   -8.785  1.00 15.16 ? 102 VAL B N   1 
ATOM   487 C CA  . VAL B 1 14 ? 2.632   1.949   -9.968  1.00 17.60 ? 102 VAL B CA  1 
ATOM   488 C C   . VAL B 1 14 ? 2.039   3.339   -9.911  1.00 19.06 ? 102 VAL B C   1 
ATOM   489 O O   . VAL B 1 14 ? 2.708   4.340   -10.264 1.00 20.02 ? 102 VAL B O   1 
ATOM   490 C CB  . VAL B 1 14 ? 2.185   1.162   -11.250 1.00 18.72 ? 102 VAL B CB  1 
ATOM   491 C CG1 . VAL B 1 14 ? 2.334   2.096   -12.434 1.00 24.48 ? 102 VAL B CG1 1 
ATOM   492 C CG2 . VAL B 1 14 ? 3.098   -0.031  -11.414 1.00 19.19 ? 102 VAL B CG2 1 
ATOM   493 N N   . GLN B 1 15 ? 0.811   3.465   -9.379  1.00 16.91 ? 103 GLN B N   1 
ATOM   494 C CA  . GLN B 1 15 ? 0.128   4.786   -9.319  1.00 18.59 ? 103 GLN B CA  1 
ATOM   495 C C   . GLN B 1 15 ? 0.860   5.692   -8.296  1.00 17.44 ? 103 GLN B C   1 
ATOM   496 O O   . GLN B 1 15 ? 1.032   6.877   -8.511  1.00 18.87 ? 103 GLN B O   1 
ATOM   497 C CB  . GLN B 1 15 ? -1.311  4.671   -8.866  1.00 18.82 ? 103 GLN B CB  1 
ATOM   498 C CG  . GLN B 1 15 ? -2.297  3.978   -9.941  1.00 29.17 ? 103 GLN B CG  1 
ATOM   499 C CD  . GLN B 1 15 ? -3.849  3.862   -9.421  1.00 42.75 ? 103 GLN B CD  1 
ATOM   500 O OE1 . GLN B 1 15 ? -4.190  3.700   -8.191  1.00 43.43 ? 103 GLN B OE1 1 
ATOM   501 N NE2 . GLN B 1 15 ? -4.765  3.960   -10.405 1.00 44.26 ? 103 GLN B NE2 1 
ATOM   502 N N   . ILE B 1 16 ? 1.359   5.095   -7.219  1.00 15.64 ? 104 ILE B N   1 
ATOM   503 C CA  . ILE B 1 16 ? 2.178   5.850   -6.243  1.00 14.83 ? 104 ILE B CA  1 
ATOM   504 C C   . ILE B 1 16 ? 3.455   6.398   -6.922  1.00 15.00 ? 104 ILE B C   1 
ATOM   505 O O   . ILE B 1 16 ? 3.722   7.618   -6.775  1.00 17.21 ? 104 ILE B O   1 
ATOM   506 C CB  . ILE B 1 16 ? 2.561   5.032   -4.979  1.00 14.49 ? 104 ILE B CB  1 
ATOM   507 C CG1 . ILE B 1 16 ? 1.274   4.756   -4.160  1.00 12.60 ? 104 ILE B CG1 1 
ATOM   508 C CG2 . ILE B 1 16 ? 3.587   5.831   -4.076  1.00 18.19 ? 104 ILE B CG2 1 
ATOM   509 C CD1 . ILE B 1 16 ? 1.412   3.767   -3.053  1.00 15.58 ? 104 ILE B CD1 1 
ATOM   510 N N   . VAL B 1 17 ? 4.149   5.576   -7.685  1.00 15.67 ? 105 VAL B N   1 
ATOM   511 C CA  . VAL B 1 17 ? 5.331   6.071   -8.402  1.00 17.81 ? 105 VAL B CA  1 
ATOM   512 C C   . VAL B 1 17 ? 4.974   7.166   -9.335  1.00 18.39 ? 105 VAL B C   1 
ATOM   513 O O   . VAL B 1 17 ? 5.714   8.195   -9.400  1.00 19.37 ? 105 VAL B O   1 
ATOM   514 C CB  . VAL B 1 17 ? 6.030   4.944   -9.137  1.00 16.72 ? 105 VAL B CB  1 
ATOM   515 C CG1 . VAL B 1 17 ? 7.307   5.516   -9.875  1.00 20.95 ? 105 VAL B CG1 1 
ATOM   516 C CG2 . VAL B 1 17 ? 6.540   3.930   -8.149  1.00 23.26 ? 105 VAL B CG2 1 
ATOM   517 N N   . ARG B 1 18 ? 3.833   7.045   -10.041 1.00 19.84 ? 106 ARG B N   1 
ATOM   518 C CA  . ARG B 1 18 ? 3.449   8.117   -10.955 1.00 21.75 ? 106 ARG B CA  1 
ATOM   519 C C   . ARG B 1 18 ? 3.283   9.422   -10.225 1.00 22.53 ? 106 ARG B C   1 
ATOM   520 O O   . ARG B 1 18 ? 3.697   10.466  -10.737 1.00 23.74 ? 106 ARG B O   1 
ATOM   521 C CB  . ARG B 1 18 ? 2.209   7.790   -11.731 1.00 23.04 ? 106 ARG B CB  1 
ATOM   522 C CG  . ARG B 1 18 ? 2.462   6.824   -12.766 1.00 28.85 ? 106 ARG B CG  1 
ATOM   523 C CD  . ARG B 1 18 ? 1.319   6.820   -13.863 1.00 38.38 ? 106 ARG B CD  1 
ATOM   524 N NE  . ARG B 1 18 ? 1.712   5.825   -14.877 1.00 45.12 ? 106 ARG B NE  1 
ATOM   525 C CZ  . ARG B 1 18 ? 1.210   4.594   -14.962 1.00 49.46 ? 106 ARG B CZ  1 
ATOM   526 N NH1 . ARG B 1 18 ? 0.214   4.242   -14.138 1.00 52.01 ? 106 ARG B NH1 1 
ATOM   527 N NH2 . ARG B 1 18 ? 1.665   3.735   -15.911 1.00 50.58 ? 106 ARG B NH2 1 
ATOM   528 N N   . GLN B 1 19 ? 2.690   9.386   -9.055  1.00 20.33 ? 107 GLN B N   1 
ATOM   529 C CA  . GLN B 1 19 ? 2.453   10.583  -8.300  1.00 21.01 ? 107 GLN B CA  1 
ATOM   530 C C   . GLN B 1 19 ? 3.731   11.140  -7.750  1.00 23.71 ? 107 GLN B C   1 
ATOM   531 O O   . GLN B 1 19 ? 3.924   12.364  -7.802  1.00 24.12 ? 107 GLN B O   1 
ATOM   532 C CB  . GLN B 1 19 ? 1.486   10.308  -7.212  1.00 24.37 ? 107 GLN B CB  1 
ATOM   533 C CG  . GLN B 1 19 ? 0.132   9.989   -7.818  1.00 27.29 ? 107 GLN B CG  1 
ATOM   534 C CD  . GLN B 1 19 ? -0.814  9.491   -6.755  1.00 34.18 ? 107 GLN B CD  1 
ATOM   535 O OE1 . GLN B 1 19 ? -1.002  8.269   -6.593  1.00 39.89 ? 107 GLN B OE1 1 
ATOM   536 N NE2 . GLN B 1 19 ? -1.344  10.408  -5.951  1.00 35.74 ? 107 GLN B NE2 1 
ATOM   537 N N   . MET B 1 20 ? 4.635   10.315  -7.228  1.00 22.06 ? 108 MET B N   1 
ATOM   538 C CA  . MET B 1 20 ? 5.991   10.762  -6.754  1.00 22.54 ? 108 MET B CA  1 
ATOM   539 C C   . MET B 1 20 ? 6.762   11.380  -7.904  1.00 24.86 ? 108 MET B C   1 
ATOM   540 O O   . MET B 1 20 ? 7.370   12.508  -7.693  1.00 26.94 ? 108 MET B O   1 
ATOM   541 C CB  . MET B 1 20 ? 6.764   9.584   -6.253  1.00 20.54 ? 108 MET B CB  1 
ATOM   542 C CG  . MET B 1 20 ? 6.125   9.061   -4.948  1.00 21.07 ? 108 MET B CG  1 
ATOM   543 S SD  . MET B 1 20 ? 7.043   7.834   -4.154  1.00 30.26 ? 108 MET B SD  1 
ATOM   544 C CE  . MET B 1 20 ? 7.417   6.765   -5.303  1.00 26.34 ? 108 MET B CE  1 
ATOM   545 N N   . ARG B 1 21 ? 6.725   10.798  -9.090  1.00 27.97 ? 109 ARG B N   1 
ATOM   546 C CA  . ARG B 1 21 ? 7.327   11.432  -10.306 1.00 32.27 ? 109 ARG B CA  1 
ATOM   547 C C   . ARG B 1 21 ? 6.819   12.855  -10.626 1.00 34.01 ? 109 ARG B C   1 
ATOM   548 O O   . ARG B 1 21 ? 7.578   13.719  -11.132 1.00 34.96 ? 109 ARG B O   1 
ATOM   549 C CB  . ARG B 1 21 ? 7.063   10.547  -11.510 1.00 33.06 ? 109 ARG B CB  1 
ATOM   550 C CG  . ARG B 1 21 ? 8.096   9.515   -11.642 1.00 36.87 ? 109 ARG B CG  1 
ATOM   551 C CD  . ARG B 1 21 ? 7.361   8.317   -12.042 1.00 43.14 ? 109 ARG B CD  1 
ATOM   552 N NE  . ARG B 1 21 ? 7.843   7.721   -13.270 1.00 48.57 ? 109 ARG B NE  1 
ATOM   553 C CZ  . ARG B 1 21 ? 7.201   7.717   -14.450 1.00 48.19 ? 109 ARG B CZ  1 
ATOM   554 N NH1 . ARG B 1 21 ? 6.027   8.311   -14.691 1.00 47.34 ? 109 ARG B NH1 1 
ATOM   555 N NH2 . ARG B 1 21 ? 7.784   7.086   -15.421 1.00 45.97 ? 109 ARG B NH2 1 
ATOM   556 N N   . SER B 1 22 ? 5.546   13.093  -10.316 1.00 36.09 ? 110 SER B N   1 
ATOM   557 C CA  . SER B 1 22 ? 4.818   14.389  -10.443 1.00 39.21 ? 110 SER B CA  1 
ATOM   558 C C   . SER B 1 22 ? 5.275   15.396  -9.476  1.00 39.27 ? 110 SER B C   1 
ATOM   559 O O   . SER B 1 22 ? 4.859   16.542  -9.548  1.00 41.99 ? 110 SER B O   1 
ATOM   560 C CB  . SER B 1 22 ? 3.345   14.213  -10.094 1.00 39.47 ? 110 SER B CB  1 
ATOM   561 O OG  . SER B 1 22 ? 2.648   13.843  -11.244 1.00 46.44 ? 110 SER B OG  1 
ATOM   562 N N   . GLY B 1 23 ? 6.086   14.966  -8.525  1.00 38.98 ? 111 GLY B N   1 
ATOM   563 C CA  . GLY B 1 23 ? 6.546   15.799  -7.434  1.00 37.70 ? 111 GLY B CA  1 
ATOM   564 C C   . GLY B 1 23 ? 5.721   15.763  -6.151  1.00 38.10 ? 111 GLY B C   1 
ATOM   565 O O   . GLY B 1 23 ? 5.991   16.553  -5.226  1.00 37.27 ? 111 GLY B O   1 
ATOM   566 N N   . GLU B 1 24 ? 4.728   14.855  -6.014  1.00 36.02 ? 112 GLU B N   1 
ATOM   567 C CA  . GLU B 1 24 ? 4.077   14.719  -4.677  1.00 35.47 ? 112 GLU B CA  1 
ATOM   568 C C   . GLU B 1 24 ? 4.975   13.799  -3.778  1.00 33.36 ? 112 GLU B C   1 
ATOM   569 O O   . GLU B 1 24 ? 5.640   12.936  -4.274  1.00 34.50 ? 112 GLU B O   1 
ATOM   570 C CB  . GLU B 1 24 ? 2.619   14.248  -4.798  1.00 36.61 ? 112 GLU B CB  1 
ATOM   571 C CG  . GLU B 1 24 ? 1.878   14.378  -3.446  1.00 44.36 ? 112 GLU B CG  1 
ATOM   572 C CD  . GLU B 1 24 ? 2.123   15.762  -2.776  1.00 55.51 ? 112 GLU B CD  1 
ATOM   573 O OE1 . GLU B 1 24 ? 1.639   16.760  -3.362  1.00 60.32 ? 112 GLU B OE1 1 
ATOM   574 O OE2 . GLU B 1 24 ? 2.776   15.864  -1.693  1.00 57.79 ? 112 GLU B OE2 1 
ATOM   575 N N   . ARG B 1 25 ? 5.044   14.045  -2.476  1.00 33.60 ? 113 ARG B N   1 
ATOM   576 C CA  . ARG B 1 25 ? 5.944   13.325  -1.583  1.00 34.29 ? 113 ARG B CA  1 
ATOM   577 C C   . ARG B 1 25 ? 5.217   12.034  -1.150  1.00 31.43 ? 113 ARG B C   1 
ATOM   578 O O   . ARG B 1 25 ? 3.995   12.099  -0.919  1.00 30.84 ? 113 ARG B O   1 
ATOM   579 C CB  . ARG B 1 25 ? 6.177   14.171  -0.299  1.00 35.12 ? 113 ARG B CB  1 
ATOM   580 C CG  . ARG B 1 25 ? 7.615   14.082  0.305   1.00 42.92 ? 113 ARG B CG  1 
ATOM   581 C CD  . ARG B 1 25 ? 8.747   14.325  -0.728  1.00 44.99 ? 113 ARG B CD  1 
ATOM   582 N NE  . ARG B 1 25 ? 9.167   15.714  -0.810  1.00 51.33 ? 113 ARG B NE  1 
ATOM   583 C CZ  . ARG B 1 25 ? 9.841   16.367  0.147   1.00 53.99 ? 113 ARG B CZ  1 
ATOM   584 N NH1 . ARG B 1 25 ? 10.154  15.771  1.300   1.00 55.77 ? 113 ARG B NH1 1 
ATOM   585 N NH2 . ARG B 1 25 ? 10.193  17.636  -0.033  1.00 54.85 ? 113 ARG B NH2 1 
ATOM   586 N N   . PHE B 1 26 ? 5.960   10.919  -1.046  1.00 30.24 ? 114 PHE B N   1 
ATOM   587 C CA  . PHE B 1 26 ? 5.334   9.650   -0.719  1.00 28.70 ? 114 PHE B CA  1 
ATOM   588 C C   . PHE B 1 26 ? 4.401   9.790   0.463   1.00 30.10 ? 114 PHE B C   1 
ATOM   589 O O   . PHE B 1 26 ? 3.270   9.256   0.437   1.00 27.74 ? 114 PHE B O   1 
ATOM   590 C CB  . PHE B 1 26 ? 6.353   8.524   -0.446  1.00 27.46 ? 114 PHE B CB  1 
ATOM   591 C CG  . PHE B 1 26 ? 5.712   7.335   0.156   1.00 24.35 ? 114 PHE B CG  1 
ATOM   592 C CD1 . PHE B 1 26 ? 5.067   6.473   -0.639  1.00 19.30 ? 114 PHE B CD1 1 
ATOM   593 C CD2 . PHE B 1 26 ? 5.696   7.159   1.585   1.00 23.89 ? 114 PHE B CD2 1 
ATOM   594 C CE1 . PHE B 1 26 ? 4.318   5.452   -0.111  1.00 19.55 ? 114 PHE B CE1 1 
ATOM   595 C CE2 . PHE B 1 26 ? 5.038   6.070   2.121   1.00 23.60 ? 114 PHE B CE2 1 
ATOM   596 C CZ  . PHE B 1 26 ? 4.349   5.203   1.244   1.00 21.04 ? 114 PHE B CZ  1 
ATOM   597 N N   . LEU B 1 27 ? 4.852   10.412  1.539   1.00 32.24 ? 115 LEU B N   1 
ATOM   598 C CA  . LEU B 1 27 ? 4.027   10.530  2.734   1.00 35.01 ? 115 LEU B CA  1 
ATOM   599 C C   . LEU B 1 27 ? 2.648   11.217  2.550   1.00 33.29 ? 115 LEU B C   1 
ATOM   600 O O   . LEU B 1 27 ? 1.630   10.705  3.070   1.00 33.75 ? 115 LEU B O   1 
ATOM   601 C CB  . LEU B 1 27 ? 4.833   11.194  3.864   1.00 35.18 ? 115 LEU B CB  1 
ATOM   602 C CG  . LEU B 1 27 ? 5.251   10.341  5.068   1.00 42.26 ? 115 LEU B CG  1 
ATOM   603 C CD1 . LEU B 1 27 ? 4.619   8.870   5.115   1.00 43.93 ? 115 LEU B CD1 1 
ATOM   604 C CD2 . LEU B 1 27 ? 6.810   10.459  5.312   1.00 41.16 ? 115 LEU B CD2 1 
ATOM   605 N N   . LYS B 1 28 ? 2.535   12.248  1.727   1.00 32.51 ? 116 LYS B N   1 
ATOM   606 C CA  . LYS B 1 28 ? 1.190   12.852  1.396   1.00 29.35 ? 116 LYS B CA  1 
ATOM   607 C C   . LYS B 1 28 ? 0.293   11.949  0.485   1.00 28.30 ? 116 LYS B C   1 
ATOM   608 O O   . LYS B 1 28 ? -0.879  11.776  0.671   1.00 29.34 ? 116 LYS B O   1 
ATOM   609 C CB  . LYS B 1 28 ? 1.422   14.167  0.687   1.00 32.19 ? 116 LYS B CB  1 
ATOM   610 C CG  . LYS B 1 28 ? 0.147   14.846  0.196   1.00 38.12 ? 116 LYS B CG  1 
ATOM   611 C CD  . LYS B 1 28 ? 0.165   16.395  0.396   1.00 45.71 ? 116 LYS B CD  1 
ATOM   612 C CE  . LYS B 1 28 ? -0.640  17.149  -0.715  1.00 50.65 ? 116 LYS B CE  1 
ATOM   613 N NZ  . LYS B 1 28 ? -0.723  18.666  -0.479  1.00 50.96 ? 116 LYS B NZ  1 
ATOM   614 N N   . ILE B 1 29 ? 0.900   11.284  -0.483  1.00 22.35 ? 117 ILE B N   1 
ATOM   615 C CA  A ILE B 1 29 ? 0.231   10.279  -1.312  0.60 20.44 ? 117 ILE B CA  1 
ATOM   616 C CA  B ILE B 1 29 ? 0.172   10.318  -1.321  0.40 19.56 ? 117 ILE B CA  1 
ATOM   617 C C   . ILE B 1 29 ? -0.341  9.173   -0.422  1.00 18.15 ? 117 ILE B C   1 
ATOM   618 O O   . ILE B 1 29 ? -1.455  8.666   -0.617  1.00 20.22 ? 117 ILE B O   1 
ATOM   619 C CB  A ILE B 1 29 ? 1.354   9.662   -2.224  0.60 18.21 ? 117 ILE B CB  1 
ATOM   620 C CB  B ILE B 1 29 ? 1.120   9.772   -2.469  0.40 18.46 ? 117 ILE B CB  1 
ATOM   621 C CG1 A ILE B 1 29 ? 1.877   10.664  -3.265  0.60 20.42 ? 117 ILE B CG1 1 
ATOM   622 C CG1 B ILE B 1 29 ? 1.475   10.824  -3.542  0.40 16.47 ? 117 ILE B CG1 1 
ATOM   623 C CG2 A ILE B 1 29 ? 0.813   8.369   -2.921  0.60 19.10 ? 117 ILE B CG2 1 
ATOM   624 C CG2 B ILE B 1 29 ? 0.437   8.679   -3.256  0.40 14.96 ? 117 ILE B CG2 1 
ATOM   625 C CD1 A ILE B 1 29 ? 3.286   10.367  -3.689  0.60 22.36 ? 117 ILE B CD1 1 
ATOM   626 C CD1 B ILE B 1 29 ? 2.875   10.568  -4.202  0.40 18.39 ? 117 ILE B CD1 1 
ATOM   627 N N   . TRP B 1 30 ? 0.433   8.751   0.551   1.00 17.39 ? 118 TRP B N   1 
ATOM   628 C CA  . TRP B 1 30 ? 0.051   7.578   1.370   1.00 15.91 ? 118 TRP B CA  1 
ATOM   629 C C   . TRP B 1 30 ? -1.237  7.764   2.167   1.00 17.50 ? 118 TRP B C   1 
ATOM   630 O O   . TRP B 1 30 ? -2.048  6.833   2.317   1.00 15.59 ? 118 TRP B O   1 
ATOM   631 C CB  . TRP B 1 30 ? 1.204   7.138   2.295   1.00 17.64 ? 118 TRP B CB  1 
ATOM   632 C CG  . TRP B 1 30 ? 0.937   5.813   3.001   1.00 17.25 ? 118 TRP B CG  1 
ATOM   633 C CD1 . TRP B 1 30 ? 0.711   5.594   4.321   1.00 15.03 ? 118 TRP B CD1 1 
ATOM   634 C CD2 . TRP B 1 30 ? 0.818   4.557   2.377   1.00 14.68 ? 118 TRP B CD2 1 
ATOM   635 N NE1 . TRP B 1 30 ? 0.511   4.292   4.572   1.00 15.43 ? 118 TRP B NE1 1 
ATOM   636 C CE2 . TRP B 1 30 ? 0.542   3.633   3.371   1.00 12.76 ? 118 TRP B CE2 1 
ATOM   637 C CE3 . TRP B 1 30 ? 0.924   4.114   1.063   1.00 16.55 ? 118 TRP B CE3 1 
ATOM   638 C CZ2 . TRP B 1 30 ? 0.350   2.286   3.080   1.00 13.54 ? 118 TRP B CZ2 1 
ATOM   639 C CZ3 . TRP B 1 30 ? 0.744   2.743   0.763   1.00 17.43 ? 118 TRP B CZ3 1 
ATOM   640 C CH2 . TRP B 1 30 ? 0.446   1.856   1.783   1.00 16.87 ? 118 TRP B CH2 1 
ATOM   641 N N   . SER B 1 31 ? -1.468  8.950   2.741   1.00 18.79 ? 119 SER B N   1 
ATOM   642 C CA  . SER B 1 31 ? -2.735  9.085   3.406   1.00 21.97 ? 119 SER B CA  1 
ATOM   643 C C   . SER B 1 31 ? -4.000  8.824   2.533   1.00 21.13 ? 119 SER B C   1 
ATOM   644 O O   . SER B 1 31 ? -4.930  8.150   3.048   1.00 23.12 ? 119 SER B O   1 
ATOM   645 C CB  . SER B 1 31 ? -2.822  10.519  3.977   1.00 26.69 ? 119 SER B CB  1 
ATOM   646 O OG  . SER B 1 31 ? -2.380  11.480  3.032   1.00 35.74 ? 119 SER B OG  1 
ATOM   647 N N   . GLN B 1 32 ? -3.986  9.286   1.285   1.00 21.23 ? 120 GLN B N   1 
ATOM   648 C CA  . GLN B 1 32 ? -5.012  9.067   0.314   1.00 21.79 ? 120 GLN B CA  1 
ATOM   649 C C   . GLN B 1 32 ? -5.049  7.550   -0.005  1.00 20.72 ? 120 GLN B C   1 
ATOM   650 O O   . GLN B 1 32 ? -6.155  6.919   -0.098  1.00 22.98 ? 120 GLN B O   1 
ATOM   651 C CB  . GLN B 1 32 ? -4.812  9.833   -0.984  1.00 26.47 ? 120 GLN B CB  1 
ATOM   652 C CG  . GLN B 1 32 ? -5.841  9.549   -2.117  1.00 35.25 ? 120 GLN B CG  1 
ATOM   653 C CD  . GLN B 1 32 ? -7.306  9.938   -1.792  1.00 47.99 ? 120 GLN B CD  1 
ATOM   654 O OE1 . GLN B 1 32 ? -7.623  11.128  -1.469  1.00 51.26 ? 120 GLN B OE1 1 
ATOM   655 N NE2 . GLN B 1 32 ? -8.226  8.929   -1.893  1.00 48.31 ? 120 GLN B NE2 1 
ATOM   656 N N   . THR B 1 33 ? -3.868  6.943   -0.119  1.00 17.59 ? 121 THR B N   1 
ATOM   657 C CA  . THR B 1 33 ? -3.835  5.557   -0.485  1.00 16.97 ? 121 THR B CA  1 
ATOM   658 C C   . THR B 1 33 ? -4.394  4.679   0.560   1.00 17.06 ? 121 THR B C   1 
ATOM   659 O O   . THR B 1 33 ? -5.108  3.661   0.273   1.00 15.22 ? 121 THR B O   1 
ATOM   660 C CB  . THR B 1 33 ? -2.380  5.169   -0.729  1.00 16.94 ? 121 THR B CB  1 
ATOM   661 O OG1 . THR B 1 33 ? -1.897  5.997   -1.788  1.00 19.75 ? 121 THR B OG1 1 
ATOM   662 C CG2 . THR B 1 33 ? -2.307  3.688   -1.268  1.00 19.59 ? 121 THR B CG2 1 
ATOM   663 N N   . VAL B 1 34 ? -4.161  4.982   1.846   1.00 16.81 ? 122 VAL B N   1 
ATOM   664 C CA  . VAL B 1 34 ? -4.690  4.174   2.891   1.00 14.61 ? 122 VAL B CA  1 
ATOM   665 C C   . VAL B 1 34 ? -6.214  4.154   2.793   1.00 14.95 ? 122 VAL B C   1 
ATOM   666 O O   . VAL B 1 34 ? -6.802  3.059   2.889   1.00 14.79 ? 122 VAL B O   1 
ATOM   667 C CB  . VAL B 1 34 ? -4.266  4.768   4.221   1.00 15.28 ? 122 VAL B CB  1 
ATOM   668 C CG1 . VAL B 1 34 ? -5.038  4.057   5.337   1.00 15.57 ? 122 VAL B CG1 1 
ATOM   669 C CG2 . VAL B 1 34 ? -2.778  4.457   4.455   1.00 16.68 ? 122 VAL B CG2 1 
ATOM   670 N N   . GLU B 1 35 ? -6.838  5.316   2.585   1.00 15.96 ? 123 GLU B N   1 
ATOM   671 C CA  . GLU B 1 35 ? -8.279  5.324   2.493   1.00 17.62 ? 123 GLU B CA  1 
ATOM   672 C C   . GLU B 1 35 ? -8.756  4.508   1.273   1.00 15.54 ? 123 GLU B C   1 
ATOM   673 O O   . GLU B 1 35 ? -9.781  3.788   1.386   1.00 17.07 ? 123 GLU B O   1 
ATOM   674 C CB  . GLU B 1 35 ? -8.738  6.759   2.380   1.00 21.34 ? 123 GLU B CB  1 
ATOM   675 C CG  . GLU B 1 35 ? -10.224 6.911   2.504   1.00 32.89 ? 123 GLU B CG  1 
ATOM   676 C CD  . GLU B 1 35 ? -10.726 7.824   1.388   1.00 48.58 ? 123 GLU B CD  1 
ATOM   677 O OE1 . GLU B 1 35 ? -10.184 8.974   1.249   1.00 51.01 ? 123 GLU B OE1 1 
ATOM   678 O OE2 . GLU B 1 35 ? -11.637 7.355   0.627   1.00 57.63 ? 123 GLU B OE2 1 
ATOM   679 N N   . GLU B 1 36 ? -8.034  4.575   0.153   1.00 16.22 ? 124 GLU B N   1 
ATOM   680 C CA  . GLU B 1 36 ? -8.437  3.815   -1.058  1.00 15.01 ? 124 GLU B CA  1 
ATOM   681 C C   . GLU B 1 36 ? -8.328  2.353   -0.774  1.00 14.46 ? 124 GLU B C   1 
ATOM   682 O O   . GLU B 1 36 ? -9.239  1.540   -1.184  1.00 14.65 ? 124 GLU B O   1 
ATOM   683 C CB  . GLU B 1 36 ? -7.531  4.166   -2.217  1.00 16.85 ? 124 GLU B CB  1 
ATOM   684 C CG  . GLU B 1 36 ? -7.872  5.620   -2.686  1.00 21.70 ? 124 GLU B CG  1 
ATOM   685 C CD  . GLU B 1 36 ? -7.014  6.130   -3.776  1.00 33.91 ? 124 GLU B CD  1 
ATOM   686 O OE1 . GLU B 1 36 ? -6.289  5.310   -4.399  1.00 39.58 ? 124 GLU B OE1 1 
ATOM   687 O OE2 . GLU B 1 36 ? -7.063  7.374   -4.026  1.00 40.62 ? 124 GLU B OE2 1 
ATOM   688 N N   . ILE B 1 37 ? -7.230  1.878   -0.155  1.00 12.93 ? 125 ILE B N   1 
ATOM   689 C CA  . ILE B 1 37 ? -7.098  0.452   0.083   1.00 13.24 ? 125 ILE B CA  1 
ATOM   690 C C   . ILE B 1 37 ? -8.135  -0.057  1.078   1.00 13.16 ? 125 ILE B C   1 
ATOM   691 O O   . ILE B 1 37 ? -8.779  -1.122  0.884   1.00 13.87 ? 125 ILE B O   1 
ATOM   692 C CB  . ILE B 1 37 ? -5.676  0.098   0.684   1.00 12.10 ? 125 ILE B CB  1 
ATOM   693 C CG1 . ILE B 1 37 ? -4.651  0.398   -0.457  1.00 12.85 ? 125 ILE B CG1 1 
ATOM   694 C CG2 . ILE B 1 37 ? -5.622  -1.362  1.155   1.00 13.24 ? 125 ILE B CG2 1 
ATOM   695 C CD1 . ILE B 1 37 ? -3.163  0.275   0.056   1.00 15.39 ? 125 ILE B CD1 1 
ATOM   696 N N   . VAL B 1 38 ? -8.391  0.706   2.176   1.00 14.03 ? 126 VAL B N   1 
ATOM   697 C CA  . VAL B 1 38 ? -9.455  0.285   3.061   1.00 14.85 ? 126 VAL B CA  1 
ATOM   698 C C   . VAL B 1 38 ? -10.867 0.258   2.376   1.00 14.40 ? 126 VAL B C   1 
ATOM   699 O O   . VAL B 1 38 ? -11.576 -0.770  2.557   1.00 17.50 ? 126 VAL B O   1 
ATOM   700 C CB  . VAL B 1 38 ? -9.494  1.289   4.270   1.00 15.29 ? 126 VAL B CB  1 
ATOM   701 C CG1 . VAL B 1 38 ? -10.746 0.992   5.130   1.00 18.95 ? 126 VAL B CG1 1 
ATOM   702 C CG2 . VAL B 1 38 ? -8.259  1.107   5.203   1.00 16.03 ? 126 VAL B CG2 1 
ATOM   703 N N   . SER B 1 39 ? -11.118 1.210   1.520   1.00 15.23 ? 127 SER B N   1 
ATOM   704 C CA  . SER B 1 39 ? -12.426 1.141   0.772   1.00 15.96 ? 127 SER B CA  1 
ATOM   705 C C   . SER B 1 39 ? -12.456 -0.004  -0.143  1.00 17.30 ? 127 SER B C   1 
ATOM   706 O O   . SER B 1 39 ? -13.499 -0.730  -0.214  1.00 17.96 ? 127 SER B O   1 
ATOM   707 C CB  . SER B 1 39 ? -12.587 2.396   -0.038  1.00 19.08 ? 127 SER B CB  1 
ATOM   708 O OG  . SER B 1 39 ? -12.798 3.505   0.846   1.00 23.71 ? 127 SER B OG  1 
ATOM   709 N N   . TYR B 1 40 ? -11.390 -0.292  -0.881  1.00 13.67 ? 128 TYR B N   1 
ATOM   710 C CA  . TYR B 1 40 ? -11.414 -1.444  -1.753  1.00 13.67 ? 128 TYR B CA  1 
ATOM   711 C C   . TYR B 1 40 ? -11.706 -2.722  -1.036  1.00 15.59 ? 128 TYR B C   1 
ATOM   712 O O   . TYR B 1 40 ? -12.534 -3.560  -1.481  1.00 16.62 ? 128 TYR B O   1 
ATOM   713 C CB  . TYR B 1 40 ? -10.023 -1.543  -2.497  1.00 15.11 ? 128 TYR B CB  1 
ATOM   714 C CG  . TYR B 1 40 ? -9.937  -2.736  -3.471  1.00 11.94 ? 128 TYR B CG  1 
ATOM   715 C CD1 . TYR B 1 40 ? -10.112 -2.428  -4.846  1.00 14.05 ? 128 TYR B CD1 1 
ATOM   716 C CD2 . TYR B 1 40 ? -9.706  -3.987  -3.058  1.00 15.20 ? 128 TYR B CD2 1 
ATOM   717 C CE1 . TYR B 1 40 ? -10.056 -3.569  -5.767  1.00 16.67 ? 128 TYR B CE1 1 
ATOM   718 C CE2 . TYR B 1 40 ? -9.673  -5.061  -3.947  1.00 16.52 ? 128 TYR B CE2 1 
ATOM   719 C CZ  . TYR B 1 40 ? -9.819  -4.767  -5.250  1.00 17.29 ? 128 TYR B CZ  1 
ATOM   720 O OH  . TYR B 1 40 ? -9.768  -5.887  -6.135  1.00 24.02 ? 128 TYR B OH  1 
ATOM   721 N N   . VAL B 1 41 ? -11.022 -2.970  0.106   1.00 14.81 ? 129 VAL B N   1 
ATOM   722 C CA  . VAL B 1 41 ? -11.226 -4.190  0.802   1.00 15.88 ? 129 VAL B CA  1 
ATOM   723 C C   . VAL B 1 41 ? -12.633 -4.214  1.441   1.00 18.24 ? 129 VAL B C   1 
ATOM   724 O O   . VAL B 1 41 ? -13.290 -5.318  1.397   1.00 19.67 ? 129 VAL B O   1 
ATOM   725 C CB  . VAL B 1 41 ? -10.102 -4.342  1.877   1.00 17.19 ? 129 VAL B CB  1 
ATOM   726 C CG1 . VAL B 1 41 ? -10.352 -5.470  2.793   1.00 20.85 ? 129 VAL B CG1 1 
ATOM   727 C CG2 . VAL B 1 41 ? -8.795  -4.534  1.167   1.00 18.17 ? 129 VAL B CG2 1 
ATOM   728 N N   . THR B 1 42 ? -13.118 -3.094  1.984   1.00 17.15 ? 130 THR B N   1 
ATOM   729 C CA  . THR B 1 42 ? -14.484 -3.027  2.591   1.00 19.85 ? 130 THR B CA  1 
ATOM   730 C C   . THR B 1 42 ? -15.536 -3.383  1.634   1.00 21.29 ? 130 THR B C   1 
ATOM   731 O O   . THR B 1 42 ? -16.467 -4.140  2.015   1.00 24.06 ? 130 THR B O   1 
ATOM   732 C CB  . THR B 1 42 ? -14.722 -1.634  3.115   1.00 22.62 ? 130 THR B CB  1 
ATOM   733 O OG1 . THR B 1 42 ? -13.807 -1.479  4.179   1.00 25.59 ? 130 THR B OG1 1 
ATOM   734 C CG2 . THR B 1 42 ? -16.219 -1.483  3.646   1.00 26.18 ? 130 THR B CG2 1 
ATOM   735 N N   . VAL B 1 43 ? -15.397 -2.926  0.397   1.00 19.63 ? 131 VAL B N   1 
ATOM   736 C CA  . VAL B 1 43 ? -16.376 -3.204  -0.689  1.00 19.19 ? 131 VAL B CA  1 
ATOM   737 C C   . VAL B 1 43 ? -16.243 -4.582  -1.243  1.00 21.97 ? 131 VAL B C   1 
ATOM   738 O O   . VAL B 1 43 ? -17.286 -5.232  -1.507  1.00 23.51 ? 131 VAL B O   1 
ATOM   739 C CB  . VAL B 1 43 ? -16.203 -2.220  -1.823  1.00 21.88 ? 131 VAL B CB  1 
ATOM   740 C CG1 . VAL B 1 43 ? -16.879 -2.644  -3.058  1.00 24.56 ? 131 VAL B CG1 1 
ATOM   741 C CG2 . VAL B 1 43 ? -16.695 -0.866  -1.340  1.00 19.42 ? 131 VAL B CG2 1 
ATOM   742 N N   . ASN B 1 44 ? -15.029 -5.055  -1.484  1.00 19.21 ? 132 ASN B N   1 
ATOM   743 C CA  . ASN B 1 44 ? -14.799 -6.275  -2.252  1.00 20.37 ? 132 ASN B CA  1 
ATOM   744 C C   . ASN B 1 44 ? -14.663 -7.520  -1.383  1.00 22.83 ? 132 ASN B C   1 
ATOM   745 O O   . ASN B 1 44 ? -14.809 -8.624  -1.908  1.00 27.29 ? 132 ASN B O   1 
ATOM   746 C CB  . ASN B 1 44 ? -13.613 -6.083  -3.203  1.00 19.13 ? 132 ASN B CB  1 
ATOM   747 C CG  . ASN B 1 44 ? -13.918 -5.086  -4.295  1.00 20.54 ? 132 ASN B CG  1 
ATOM   748 O OD1 . ASN B 1 44 ? -13.130 -4.168  -4.605  1.00 19.32 ? 132 ASN B OD1 1 
ATOM   749 N ND2 . ASN B 1 44 ? -15.068 -5.229  -4.930  1.00 17.50 ? 132 ASN B ND2 1 
ATOM   750 N N   . PHE B 1 45 ? -14.440 -7.373  -0.078  1.00 24.37 ? 133 PHE B N   1 
ATOM   751 C CA  . PHE B 1 45 ? -14.340 -8.528  0.843   1.00 26.38 ? 133 PHE B CA  1 
ATOM   752 C C   . PHE B 1 45 ? -15.296 -8.312  2.029   1.00 27.97 ? 133 PHE B C   1 
ATOM   753 O O   . PHE B 1 45 ? -16.507 -8.027  1.788   1.00 33.69 ? 133 PHE B O   1 
ATOM   754 C CB  . PHE B 1 45 ? -12.925 -8.627  1.446   1.00 26.96 ? 133 PHE B CB  1 
ATOM   755 C CG  . PHE B 1 45 ? -11.833 -8.902  0.474   1.00 30.15 ? 133 PHE B CG  1 
ATOM   756 C CD1 . PHE B 1 45 ? -11.227 -7.893  -0.239  1.00 28.06 ? 133 PHE B CD1 1 
ATOM   757 C CD2 . PHE B 1 45 ? -11.300 -10.181 0.391   1.00 34.11 ? 133 PHE B CD2 1 
ATOM   758 C CE1 . PHE B 1 45 ? -10.155 -8.132  -1.079  1.00 27.56 ? 133 PHE B CE1 1 
ATOM   759 C CE2 . PHE B 1 45 ? -10.184 -10.463 -0.478  1.00 38.58 ? 133 PHE B CE2 1 
ATOM   760 C CZ  . PHE B 1 45 ? -9.606  -9.388  -1.205  1.00 35.91 ? 133 PHE B CZ  1 
HETATM 761 O O   . HOH C 2 .  ? 10.486  2.498   -8.019  1.00 28.98 ? 2   HOH A O   1 
HETATM 762 O O   . HOH C 2 .  ? -9.093  -10.243 13.107  1.00 32.25 ? 3   HOH A O   1 
HETATM 763 O O   . HOH C 2 .  ? -0.262  2.509   13.359  1.00 31.32 ? 6   HOH A O   1 
HETATM 764 O O   . HOH C 2 .  ? -13.312 -13.394 3.634   1.00 54.07 ? 10  HOH A O   1 
HETATM 765 O O   . HOH C 2 .  ? 2.203   -10.550 -2.533  1.00 42.35 ? 12  HOH A O   1 
HETATM 766 O O   . HOH C 2 .  ? 14.203  -2.288  0.695   1.00 49.20 ? 13  HOH A O   1 
HETATM 767 O O   . HOH C 2 .  ? 12.150  -10.000 -0.560  1.00 39.38 ? 14  HOH A O   1 
HETATM 768 O O   . HOH C 2 .  ? 3.955   -8.940  -3.885  1.00 39.84 ? 16  HOH A O   1 
HETATM 769 O O   . HOH C 2 .  ? 16.584  4.252   6.579   1.00 49.35 ? 18  HOH A O   1 
HETATM 770 O O   . HOH C 2 .  ? -0.714  7.081   7.024   1.00 40.66 ? 19  HOH A O   1 
HETATM 771 O O   . HOH C 2 .  ? 7.920   -9.086  2.595   1.00 39.14 ? 21  HOH A O   1 
HETATM 772 O O   . HOH C 2 .  ? -9.568  -5.170  10.259  1.00 19.46 ? 22  HOH A O   1 
HETATM 773 O O   . HOH C 2 .  ? -11.201 -2.136  13.481  1.00 19.82 ? 23  HOH A O   1 
HETATM 774 O O   . HOH C 2 .  ? 1.881   6.509   7.936   1.00 32.27 ? 26  HOH A O   1 
HETATM 775 O O   . HOH C 2 .  ? -5.020  5.590   12.987  1.00 42.54 ? 28  HOH A O   1 
HETATM 776 O O   . HOH C 2 .  ? -4.504  6.907   7.834   1.00 38.40 ? 29  HOH A O   1 
HETATM 777 O O   . HOH C 2 .  ? -13.278 0.719   12.979  1.00 30.09 ? 30  HOH A O   1 
HETATM 778 O O   . HOH C 2 .  ? -10.512 3.383   7.867   1.00 33.77 ? 31  HOH A O   1 
HETATM 779 O O   . HOH C 2 .  ? 12.451  4.620   -3.244  1.00 33.81 ? 32  HOH A O   1 
HETATM 780 O O   . HOH C 2 .  ? 1.253   0.905   14.312  1.00 34.78 ? 35  HOH A O   1 
HETATM 781 O O   . HOH C 2 .  ? 12.863  8.378   8.232   1.00 47.93 ? 37  HOH A O   1 
HETATM 782 O O   . HOH C 2 .  ? 9.793   -0.653  -13.625 1.00 46.58 ? 38  HOH A O   1 
HETATM 783 O O   . HOH C 2 .  ? -1.751  4.970   13.401  0.50 34.41 ? 39  HOH A O   1 
HETATM 784 O O   . HOH C 2 .  ? -10.296 -7.064  12.133  1.00 41.25 ? 42  HOH A O   1 
HETATM 785 O O   . HOH C 2 .  ? 6.975   -10.098 -3.044  1.00 51.91 ? 44  HOH A O   1 
HETATM 786 O O   . HOH C 2 .  ? 0.027   -15.063 4.294   1.00 42.76 ? 45  HOH A O   1 
HETATM 787 O O   . HOH C 2 .  ? 13.492  -3.763  2.059   1.00 47.64 ? 46  HOH A O   1 
HETATM 788 O O   . HOH C 2 .  ? 20.003  0.156   0.374   1.00 43.83 ? 47  HOH A O   1 
HETATM 789 O O   . HOH C 2 .  ? -9.653  -12.698 2.355   1.00 44.11 ? 48  HOH A O   1 
HETATM 790 O O   . HOH C 2 .  ? 12.430  8.450   11.951  1.00 36.73 ? 49  HOH A O   1 
HETATM 791 O O   . HOH C 2 .  ? -11.832 6.904   11.120  1.00 36.52 ? 51  HOH A O   1 
HETATM 792 O O   . HOH D 2 .  ? -0.918  -7.259  -11.638 1.00 26.36 ? 1   HOH B O   1 
HETATM 793 O O   . HOH D 2 .  ? 2.380   -9.531  -10.037 1.00 31.62 ? 4   HOH B O   1 
HETATM 794 O O   . HOH D 2 .  ? -6.696  2.954   -5.131  1.00 32.28 ? 5   HOH B O   1 
HETATM 795 O O   . HOH D 2 .  ? -16.018 -6.182  4.148   1.00 43.41 ? 7   HOH B O   1 
HETATM 796 O O   . HOH D 2 .  ? -7.837  -5.762  -9.832  1.00 33.47 ? 8   HOH B O   1 
HETATM 797 O O   . HOH D 2 .  ? 0.229   9.692   5.382   1.00 45.93 ? 9   HOH B O   1 
HETATM 798 O O   . HOH D 2 .  ? 8.219   13.464  -5.384  1.00 56.42 ? 11  HOH B O   1 
HETATM 799 O O   . HOH D 2 .  ? -2.650  6.396   -4.486  1.00 47.23 ? 15  HOH B O   1 
HETATM 800 O O   . HOH D 2 .  ? -3.918  -11.364 -2.861  1.00 35.83 ? 17  HOH B O   1 
HETATM 801 O O   . HOH D 2 .  ? 0.060   1.657   -15.886 1.00 46.82 ? 20  HOH B O   1 
HETATM 802 O O   . HOH D 2 .  ? 8.728   10.990  -2.017  1.00 28.31 ? 24  HOH B O   1 
HETATM 803 O O   . HOH D 2 .  ? -10.847 2.296   -3.364  1.00 27.38 ? 25  HOH B O   1 
HETATM 804 O O   . HOH D 2 .  ? 7.766   11.027  1.928   1.00 35.80 ? 27  HOH B O   1 
HETATM 805 O O   . HOH D 2 .  ? -1.593  5.347   -11.994 1.00 47.13 ? 33  HOH B O   1 
HETATM 806 O O   . HOH D 2 .  ? -17.683 -9.354  4.029   1.00 39.22 ? 34  HOH B O   1 
HETATM 807 O O   . HOH D 2 .  ? 10.651  10.410  -0.019  1.00 36.52 ? 36  HOH B O   1 
HETATM 808 O O   . HOH D 2 .  ? -11.880 4.547   -3.310  1.00 41.55 ? 40  HOH B O   1 
HETATM 809 O O   . HOH D 2 .  ? -20.071 -4.351  -1.474  1.00 41.05 ? 41  HOH B O   1 
HETATM 810 O O   . HOH D 2 .  ? -9.977  -4.978  -8.659  1.00 41.79 ? 43  HOH B O   1 
HETATM 811 O O   . HOH D 2 .  ? 6.594   18.821  -11.194 1.00 48.02 ? 50  HOH B O   1 
# 
